data_8ECE
#
_entry.id   8ECE
#
_cell.length_a   73.772
_cell.length_b   126.954
_cell.length_c   132.970
_cell.angle_alpha   90.000
_cell.angle_beta   90.000
_cell.angle_gamma   90.000
#
_symmetry.space_group_name_H-M   'P 21 21 21'
#
loop_
_entity.id
_entity.type
_entity.pdbx_description
1 polymer 'L-asparaginase 2'
2 non-polymer 'GLUTAMIC ACID'
3 non-polymer 1,2-ETHANEDIOL
4 water water
#
_entity_poly.entity_id   1
_entity_poly.type   'polypeptide(L)'
_entity_poly.pdbx_seq_one_letter_code
;MDHHHHHHLPNITILATGGTIAGGGDSATKSNYTTGKVGVENLVNAVPQLKDIANVKGEQVVNIGSQDMNDNVWLTLAKK
INTDCDKTDGFVITHGTDTMEETAYFLDLTVKCDKPVVMVGAMRPSTSMSADGPFNLYNAVVTAADKASANRGVLVVMND
TVLDGRDVTKTNTTDVATFKSVNYGPLGYIHNGKIDYQRTPARKHTSDTPFDVSKLNELPKVGIVYNYANASDLPAKALV
DAGYDGIVSAGVGNGNLYKSVFDTLATAAKTGTAVVRSSRVPTGATTQDAEVDDAKYGFVASGTLNPQKARVLLQLALTQ
TKDPQQIQQIFNQY
;
_entity_poly.pdbx_strand_id   A,B,C,D
#
loop_
_chem_comp.id
_chem_comp.type
_chem_comp.name
_chem_comp.formula
EDO non-polymer 1,2-ETHANEDIOL 'C2 H6 O2'
#
# COMPACT_ATOMS: atom_id res chain seq x y z
N LEU A 9 -5.01 -29.10 26.27
CA LEU A 9 -5.22 -27.78 25.54
C LEU A 9 -4.72 -26.66 26.46
N PRO A 10 -4.10 -25.59 25.94
CA PRO A 10 -3.64 -24.55 26.83
C PRO A 10 -4.77 -23.83 27.55
N ASN A 11 -4.44 -23.35 28.75
CA ASN A 11 -5.27 -22.43 29.53
C ASN A 11 -5.00 -20.98 29.01
N ILE A 12 -6.05 -20.33 28.54
CA ILE A 12 -5.92 -18.94 28.02
C ILE A 12 -6.88 -18.08 28.82
N THR A 13 -6.37 -16.96 29.34
CA THR A 13 -7.17 -15.93 30.02
C THR A 13 -7.51 -14.79 29.04
N ILE A 14 -8.78 -14.45 28.91
CA ILE A 14 -9.26 -13.22 28.20
C ILE A 14 -9.49 -12.17 29.25
N LEU A 15 -8.75 -11.05 29.15
CA LEU A 15 -8.99 -9.85 29.94
C LEU A 15 -9.76 -8.85 29.06
N ALA A 16 -11.02 -8.57 29.40
CA ALA A 16 -11.87 -7.66 28.64
C ALA A 16 -11.72 -6.23 29.17
N THR A 17 -11.58 -5.25 28.25
CA THR A 17 -11.46 -3.82 28.61
C THR A 17 -12.59 -3.02 28.00
N GLY A 18 -13.45 -3.63 27.16
CA GLY A 18 -14.43 -2.89 26.34
C GLY A 18 -14.16 -2.92 24.81
N GLY A 19 -14.75 -2.01 24.03
CA GLY A 19 -14.81 -2.19 22.53
C GLY A 19 -15.95 -3.09 22.10
N THR A 20 -16.11 -3.44 20.82
CA THR A 20 -17.30 -4.18 20.25
C THR A 20 -17.33 -5.69 20.67
N ILE A 21 -16.21 -6.25 21.07
CA ILE A 21 -16.01 -7.73 21.19
C ILE A 21 -16.23 -8.24 22.65
N LEU A 43 -17.18 -14.56 25.01
CA LEU A 43 -17.67 -15.77 25.74
C LEU A 43 -17.43 -16.98 24.81
N VAL A 44 -16.94 -18.06 25.40
CA VAL A 44 -16.83 -19.39 24.74
C VAL A 44 -18.22 -19.78 24.16
N ASN A 45 -19.29 -19.05 24.52
CA ASN A 45 -20.68 -19.30 24.04
C ASN A 45 -20.86 -18.68 22.65
N ALA A 46 -20.41 -17.45 22.47
CA ALA A 46 -20.52 -16.69 21.21
C ALA A 46 -19.61 -17.33 20.15
N VAL A 47 -18.48 -17.90 20.58
CA VAL A 47 -17.45 -18.47 19.67
C VAL A 47 -17.13 -19.86 20.17
N PRO A 48 -18.06 -20.82 20.00
CA PRO A 48 -17.85 -22.14 20.58
C PRO A 48 -16.63 -22.88 20.02
N GLN A 49 -16.13 -22.47 18.82
CA GLN A 49 -14.93 -23.12 18.23
C GLN A 49 -13.70 -22.90 19.16
N LEU A 50 -13.74 -21.91 20.05
CA LEU A 50 -12.65 -21.66 21.04
C LEU A 50 -12.36 -22.94 21.81
N LYS A 51 -13.41 -23.72 22.11
CA LYS A 51 -13.29 -24.95 22.95
C LYS A 51 -12.38 -25.92 22.24
N ASP A 52 -12.27 -25.87 20.90
CA ASP A 52 -11.36 -26.78 20.22
C ASP A 52 -9.93 -26.48 20.40
N ILE A 53 -9.56 -25.27 20.83
CA ILE A 53 -8.12 -24.87 20.77
C ILE A 53 -7.56 -24.49 22.15
N ALA A 54 -8.41 -24.08 23.09
CA ALA A 54 -7.98 -23.66 24.41
C ALA A 54 -9.07 -23.88 25.45
N ASN A 55 -8.62 -23.92 26.69
CA ASN A 55 -9.52 -23.78 27.86
C ASN A 55 -9.50 -22.31 28.26
N VAL A 56 -10.62 -21.64 28.04
CA VAL A 56 -10.67 -20.16 28.09
C VAL A 56 -11.38 -19.78 29.34
N LYS A 57 -10.85 -18.82 30.06
CA LYS A 57 -11.57 -18.16 31.15
C LYS A 57 -11.43 -16.64 30.94
N GLY A 58 -12.45 -15.88 31.32
CA GLY A 58 -12.48 -14.39 31.12
C GLY A 58 -12.60 -13.65 32.42
N GLU A 59 -12.16 -12.42 32.42
CA GLU A 59 -12.39 -11.46 33.48
C GLU A 59 -12.53 -10.12 32.84
N GLN A 60 -13.49 -9.38 33.31
CA GLN A 60 -13.73 -7.98 32.86
C GLN A 60 -12.81 -7.15 33.72
N VAL A 61 -11.83 -6.47 33.17
CA VAL A 61 -10.97 -5.51 33.92
C VAL A 61 -11.69 -4.16 33.99
N VAL A 62 -12.17 -3.64 32.88
CA VAL A 62 -12.92 -2.37 32.79
C VAL A 62 -13.85 -2.52 31.59
N ASN A 63 -14.76 -1.59 31.40
CA ASN A 63 -15.63 -1.68 30.21
C ASN A 63 -15.73 -0.30 29.60
N ILE A 64 -14.77 0.13 28.78
CA ILE A 64 -14.83 1.50 28.22
C ILE A 64 -14.58 1.46 26.70
N GLY A 65 -15.10 2.47 26.01
CA GLY A 65 -14.69 2.73 24.62
C GLY A 65 -13.22 3.11 24.64
N SER A 66 -12.41 2.59 23.75
CA SER A 66 -10.94 2.82 23.84
C SER A 66 -10.58 4.31 23.55
N GLN A 67 -11.49 5.12 23.03
CA GLN A 67 -11.27 6.55 22.91
C GLN A 67 -11.06 7.14 24.32
N ASP A 68 -11.61 6.47 25.34
CA ASP A 68 -11.43 6.92 26.75
C ASP A 68 -10.37 6.22 27.54
N MET A 69 -9.56 5.42 26.86
CA MET A 69 -8.39 4.78 27.44
C MET A 69 -7.49 5.77 28.21
N ASN A 70 -6.86 5.29 29.29
CA ASN A 70 -6.16 6.19 30.25
C ASN A 70 -5.09 5.44 31.00
N ASP A 71 -4.22 6.22 31.67
CA ASP A 71 -3.09 5.68 32.36
C ASP A 71 -3.51 4.63 33.44
N ASN A 72 -4.66 4.87 34.09
CA ASN A 72 -5.08 4.01 35.22
C ASN A 72 -5.39 2.61 34.70
N VAL A 73 -6.01 2.53 33.53
CA VAL A 73 -6.30 1.24 32.90
C VAL A 73 -5.00 0.57 32.53
N TRP A 74 -4.05 1.29 31.95
CA TRP A 74 -2.76 0.73 31.58
C TRP A 74 -2.11 0.07 32.81
N LEU A 75 -2.03 0.85 33.89
CA LEU A 75 -1.34 0.37 35.13
C LEU A 75 -2.08 -0.89 35.62
N THR A 76 -3.42 -0.89 35.63
CA THR A 76 -4.22 -2.03 36.09
C THR A 76 -3.87 -3.25 35.26
N LEU A 77 -3.87 -3.08 33.91
CA LEU A 77 -3.62 -4.22 33.02
C LEU A 77 -2.22 -4.78 33.21
N ALA A 78 -1.18 -3.94 33.18
CA ALA A 78 0.18 -4.47 33.28
C ALA A 78 0.33 -5.25 34.63
N LYS A 79 -0.15 -4.69 35.71
CA LYS A 79 0.02 -5.33 37.06
C LYS A 79 -0.79 -6.62 37.12
N LYS A 80 -1.95 -6.68 36.46
CA LYS A 80 -2.78 -7.93 36.42
C LYS A 80 -2.06 -8.99 35.66
N ILE A 81 -1.52 -8.67 34.48
CA ILE A 81 -0.81 -9.71 33.67
C ILE A 81 0.42 -10.19 34.43
N ASN A 82 1.14 -9.24 35.05
CA ASN A 82 2.40 -9.57 35.76
C ASN A 82 2.10 -10.44 36.99
N THR A 83 1.04 -10.13 37.70
CA THR A 83 0.60 -10.86 38.91
C THR A 83 0.06 -12.24 38.54
N ASP A 84 -0.68 -12.37 37.42
CA ASP A 84 -1.36 -13.54 37.10
C ASP A 84 -0.66 -14.45 36.14
N CYS A 85 0.55 -14.09 35.75
CA CYS A 85 1.32 -14.78 34.72
C CYS A 85 1.36 -16.30 35.02
N ASP A 86 1.61 -16.70 36.28
CA ASP A 86 1.83 -18.15 36.55
C ASP A 86 0.56 -18.91 36.66
N LYS A 87 -0.61 -18.23 36.67
CA LYS A 87 -1.91 -18.93 36.70
C LYS A 87 -2.38 -19.39 35.32
N THR A 88 -1.72 -19.03 34.21
CA THR A 88 -2.30 -19.31 32.86
C THR A 88 -1.20 -19.58 31.86
N ASP A 89 -1.56 -20.04 30.64
CA ASP A 89 -0.57 -20.32 29.67
C ASP A 89 -0.42 -19.10 28.60
N GLY A 90 -1.33 -18.14 28.64
CA GLY A 90 -1.32 -17.00 27.70
C GLY A 90 -2.49 -16.09 27.96
N PHE A 91 -2.44 -14.86 27.44
CA PHE A 91 -3.50 -13.86 27.65
C PHE A 91 -4.00 -13.34 26.29
N VAL A 92 -5.30 -13.08 26.22
CA VAL A 92 -5.92 -12.29 25.12
C VAL A 92 -6.53 -11.09 25.82
N ILE A 93 -6.21 -9.89 25.38
CA ILE A 93 -6.90 -8.66 25.81
C ILE A 93 -7.87 -8.17 24.73
N THR A 94 -9.14 -8.10 25.04
CA THR A 94 -10.15 -7.56 24.12
C THR A 94 -10.20 -6.05 24.41
N HIS A 95 -10.19 -5.25 23.36
CA HIS A 95 -10.02 -3.77 23.50
C HIS A 95 -10.63 -3.06 22.29
N GLY A 96 -11.06 -1.78 22.50
CA GLY A 96 -11.50 -0.99 21.35
C GLY A 96 -10.33 -0.75 20.40
N THR A 97 -10.65 -0.62 19.12
CA THR A 97 -9.58 -0.47 18.11
C THR A 97 -8.95 0.91 18.13
N ASP A 98 -9.68 1.93 18.57
CA ASP A 98 -9.20 3.31 18.40
C ASP A 98 -7.86 3.58 19.06
N THR A 99 -7.58 3.03 20.29
CA THR A 99 -6.25 3.25 20.94
C THR A 99 -5.53 1.92 21.26
N MET A 100 -5.95 0.83 20.63
CA MET A 100 -5.30 -0.46 20.80
C MET A 100 -3.80 -0.36 20.56
N GLU A 101 -3.36 0.47 19.61
CA GLU A 101 -1.97 0.52 19.25
C GLU A 101 -1.18 1.13 20.43
N GLU A 102 -1.84 1.99 21.21
CA GLU A 102 -1.13 2.68 22.34
C GLU A 102 -1.00 1.67 23.51
N THR A 103 -2.12 1.06 23.90
CA THR A 103 -2.15 0.05 24.98
C THR A 103 -1.17 -1.04 24.63
N ALA A 104 -1.14 -1.49 23.38
CA ALA A 104 -0.28 -2.59 22.99
C ALA A 104 1.17 -2.24 23.26
N TYR A 105 1.60 -1.01 22.92
CA TYR A 105 3.00 -0.63 23.08
C TYR A 105 3.28 -0.42 24.58
N PHE A 106 2.35 0.13 25.32
CA PHE A 106 2.53 0.29 26.77
C PHE A 106 2.82 -1.10 27.40
N LEU A 107 1.95 -2.08 27.09
CA LEU A 107 2.10 -3.44 27.61
C LEU A 107 3.38 -4.05 27.09
N ASP A 108 3.73 -3.80 25.82
CA ASP A 108 4.95 -4.32 25.25
C ASP A 108 6.19 -3.90 26.11
N LEU A 109 6.11 -2.75 26.76
CA LEU A 109 7.28 -2.17 27.50
C LEU A 109 7.23 -2.54 29.00
N THR A 110 6.09 -2.92 29.53
CA THR A 110 5.84 -3.03 30.98
C THR A 110 5.50 -4.46 31.43
N VAL A 111 5.04 -5.33 30.54
CA VAL A 111 4.73 -6.73 30.87
C VAL A 111 6.02 -7.49 31.08
N LYS A 112 6.12 -8.31 32.15
CA LYS A 112 7.34 -9.11 32.42
C LYS A 112 7.02 -10.60 32.27
N CYS A 113 5.77 -10.93 32.02
CA CYS A 113 5.33 -12.30 31.66
C CYS A 113 5.82 -12.63 30.24
N ASP A 114 6.60 -13.68 30.03
CA ASP A 114 7.10 -13.97 28.67
C ASP A 114 6.19 -14.92 27.82
N LYS A 115 5.15 -15.38 28.50
CA LYS A 115 4.02 -16.07 27.85
C LYS A 115 3.32 -15.13 26.83
N PRO A 116 2.62 -15.71 25.83
CA PRO A 116 1.92 -14.91 24.81
C PRO A 116 0.91 -13.95 25.45
N VAL A 117 0.97 -12.68 25.03
CA VAL A 117 0.03 -11.61 25.38
C VAL A 117 -0.44 -10.96 24.06
N VAL A 118 -1.73 -11.16 23.75
CA VAL A 118 -2.28 -10.87 22.41
C VAL A 118 -3.47 -9.94 22.57
N MET A 119 -3.43 -8.81 21.88
CA MET A 119 -4.56 -7.87 21.92
C MET A 119 -5.41 -8.06 20.67
N VAL A 120 -6.71 -7.83 20.83
CA VAL A 120 -7.65 -8.07 19.73
C VAL A 120 -8.85 -7.14 19.90
N GLY A 121 -9.43 -6.73 18.78
CA GLY A 121 -10.63 -5.90 18.69
C GLY A 121 -11.46 -6.29 17.43
N ALA A 122 -12.44 -5.48 17.11
CA ALA A 122 -13.29 -5.66 15.93
C ALA A 122 -13.63 -4.28 15.35
N MET A 123 -13.62 -4.22 14.03
CA MET A 123 -13.99 -3.01 13.31
C MET A 123 -15.48 -2.96 12.99
N ARG A 124 -16.23 -4.03 13.14
CA ARG A 124 -17.66 -4.00 12.90
C ARG A 124 -18.37 -4.38 14.20
N PRO A 125 -19.55 -3.83 14.46
CA PRO A 125 -20.34 -4.23 15.65
C PRO A 125 -20.65 -5.73 15.61
N SER A 126 -20.75 -6.39 16.76
CA SER A 126 -20.88 -7.85 16.85
C SER A 126 -22.21 -8.31 16.25
N THR A 127 -23.19 -7.41 16.12
CA THR A 127 -24.53 -7.77 15.63
C THR A 127 -24.64 -7.42 14.15
N SER A 128 -23.60 -6.89 13.52
CA SER A 128 -23.70 -6.48 12.11
CA SER A 128 -23.70 -6.48 12.12
C SER A 128 -23.41 -7.69 11.22
N MET A 129 -23.86 -7.58 9.99
N MET A 129 -23.84 -7.56 9.99
CA MET A 129 -23.57 -8.55 8.92
CA MET A 129 -23.55 -8.49 8.89
C MET A 129 -22.04 -8.64 8.80
C MET A 129 -22.04 -8.63 8.80
N SER A 130 -21.59 -9.88 8.71
CA SER A 130 -20.16 -10.21 8.50
C SER A 130 -19.32 -9.58 9.59
N ALA A 131 -19.80 -9.61 10.82
CA ALA A 131 -19.04 -9.10 12.01
C ALA A 131 -17.69 -9.82 12.04
N ASP A 132 -16.62 -9.06 12.24
CA ASP A 132 -15.25 -9.62 12.24
C ASP A 132 -14.77 -10.08 13.62
N GLY A 133 -15.47 -9.72 14.69
CA GLY A 133 -15.03 -10.05 16.07
C GLY A 133 -14.85 -11.55 16.29
N PRO A 134 -15.78 -12.39 15.81
CA PRO A 134 -15.70 -13.82 16.15
C PRO A 134 -14.43 -14.46 15.66
N PHE A 135 -14.12 -14.32 14.35
CA PHE A 135 -12.90 -14.88 13.80
C PHE A 135 -11.67 -14.20 14.36
N ASN A 136 -11.76 -12.90 14.63
CA ASN A 136 -10.59 -12.14 15.20
C ASN A 136 -10.27 -12.78 16.56
N LEU A 137 -11.30 -12.99 17.39
CA LEU A 137 -11.11 -13.58 18.73
C LEU A 137 -10.54 -14.99 18.58
N TYR A 138 -11.12 -15.80 17.70
CA TYR A 138 -10.57 -17.15 17.46
C TYR A 138 -9.08 -17.07 17.15
N ASN A 139 -8.71 -16.22 16.16
CA ASN A 139 -7.31 -16.14 15.74
C ASN A 139 -6.42 -15.58 16.87
N ALA A 140 -6.95 -14.68 17.69
CA ALA A 140 -6.17 -14.16 18.84
C ALA A 140 -5.82 -15.35 19.80
N VAL A 141 -6.79 -16.18 20.08
CA VAL A 141 -6.61 -17.38 20.96
C VAL A 141 -5.66 -18.36 20.29
N VAL A 142 -5.79 -18.63 18.98
CA VAL A 142 -4.79 -19.41 18.23
C VAL A 142 -3.40 -18.85 18.55
N THR A 143 -3.23 -17.53 18.45
CA THR A 143 -1.90 -16.94 18.59
C THR A 143 -1.42 -17.10 20.05
N ALA A 144 -2.30 -16.85 21.00
CA ALA A 144 -1.94 -16.86 22.44
C ALA A 144 -1.58 -18.32 22.84
N ALA A 145 -2.19 -19.29 22.18
CA ALA A 145 -1.99 -20.74 22.42
C ALA A 145 -0.72 -21.24 21.74
N ASP A 146 -0.17 -20.53 20.73
CA ASP A 146 0.99 -21.00 20.00
C ASP A 146 2.24 -20.65 20.87
N LYS A 147 3.02 -21.72 21.23
CA LYS A 147 4.25 -21.54 22.03
C LYS A 147 5.20 -20.66 21.27
N ALA A 148 5.21 -20.68 19.93
CA ALA A 148 6.13 -19.84 19.15
C ALA A 148 5.76 -18.37 19.31
N SER A 149 4.63 -18.03 19.90
CA SER A 149 4.26 -16.60 20.11
C SER A 149 5.01 -16.04 21.31
N ALA A 150 5.50 -16.90 22.20
CA ALA A 150 6.17 -16.47 23.45
C ALA A 150 7.45 -15.73 23.05
N ASN A 151 7.82 -14.73 23.84
CA ASN A 151 9.11 -14.05 23.57
C ASN A 151 9.08 -13.18 22.30
N ARG A 152 7.88 -12.88 21.72
CA ARG A 152 7.87 -11.92 20.64
C ARG A 152 7.44 -10.59 21.04
N GLY A 153 7.19 -10.39 22.34
CA GLY A 153 6.60 -9.16 22.84
C GLY A 153 5.09 -9.18 22.75
N VAL A 154 4.44 -8.10 23.17
CA VAL A 154 2.97 -8.02 23.13
C VAL A 154 2.57 -7.88 21.66
N LEU A 155 1.58 -8.65 21.28
CA LEU A 155 1.12 -8.77 19.89
C LEU A 155 -0.29 -8.22 19.72
N VAL A 156 -0.57 -7.77 18.48
CA VAL A 156 -1.95 -7.43 18.06
C VAL A 156 -2.29 -8.44 16.97
N VAL A 157 -3.47 -9.07 17.08
CA VAL A 157 -3.90 -10.01 16.05
C VAL A 157 -5.21 -9.52 15.47
N MET A 158 -5.14 -9.18 14.19
CA MET A 158 -6.28 -8.55 13.41
C MET A 158 -6.14 -8.98 11.96
N ASN A 159 -7.26 -9.39 11.38
CA ASN A 159 -7.35 -9.70 9.95
C ASN A 159 -6.30 -10.77 9.61
N ASP A 160 -6.29 -11.87 10.37
CA ASP A 160 -5.48 -13.01 10.07
C ASP A 160 -3.95 -12.79 10.06
N THR A 161 -3.52 -11.78 10.79
CA THR A 161 -2.17 -11.28 10.79
C THR A 161 -1.75 -11.07 12.26
N VAL A 162 -0.51 -11.38 12.53
CA VAL A 162 0.15 -11.21 13.84
C VAL A 162 1.09 -10.01 13.69
N LEU A 163 0.83 -8.99 14.49
CA LEU A 163 1.55 -7.71 14.43
C LEU A 163 2.25 -7.45 15.76
N ASP A 164 3.41 -6.87 15.71
CA ASP A 164 4.15 -6.55 16.94
C ASP A 164 3.54 -5.30 17.48
N GLY A 165 3.54 -5.20 18.81
CA GLY A 165 2.94 -4.03 19.48
C GLY A 165 3.61 -2.70 19.22
N ARG A 166 4.86 -2.68 18.86
CA ARG A 166 5.54 -1.41 18.67
C ARG A 166 5.13 -0.74 17.33
N ASP A 167 5.20 -1.49 16.24
CA ASP A 167 4.98 -0.86 14.90
C ASP A 167 3.52 -0.85 14.47
N VAL A 168 2.66 -1.63 15.14
CA VAL A 168 1.27 -1.80 14.69
C VAL A 168 0.53 -0.47 14.86
N THR A 169 -0.25 -0.10 13.86
CA THR A 169 -1.06 1.15 13.89
C THR A 169 -2.33 0.95 13.07
N LYS A 170 -3.33 1.74 13.40
CA LYS A 170 -4.63 1.78 12.70
C LYS A 170 -4.48 2.70 11.49
N THR A 171 -4.51 2.13 10.29
CA THR A 171 -4.19 2.90 9.06
C THR A 171 -5.43 3.44 8.37
N ASN A 172 -6.61 2.91 8.68
CA ASN A 172 -7.88 3.31 8.02
C ASN A 172 -8.98 3.44 9.07
N THR A 173 -9.84 4.40 8.89
CA THR A 173 -10.95 4.68 9.83
C THR A 173 -11.99 3.55 9.87
N THR A 174 -12.21 2.80 8.81
CA THR A 174 -13.34 1.83 8.78
C THR A 174 -12.97 0.43 8.31
N ASP A 175 -11.83 0.21 7.67
CA ASP A 175 -11.57 -1.05 7.00
C ASP A 175 -11.29 -2.14 8.05
N VAL A 176 -11.82 -3.35 7.85
CA VAL A 176 -11.48 -4.49 8.73
C VAL A 176 -9.98 -4.79 8.64
N ALA A 177 -9.29 -4.42 7.54
CA ALA A 177 -7.88 -4.67 7.32
C ALA A 177 -7.01 -3.50 7.85
N THR A 178 -7.60 -2.61 8.63
CA THR A 178 -6.91 -1.39 9.10
C THR A 178 -5.56 -1.58 9.78
N PHE A 179 -5.37 -2.55 10.65
CA PHE A 179 -4.12 -2.71 11.44
C PHE A 179 -2.99 -3.24 10.61
N LYS A 180 -1.92 -2.45 10.53
CA LYS A 180 -0.69 -2.78 9.79
C LYS A 180 0.50 -2.33 10.61
N SER A 181 1.58 -3.06 10.46
CA SER A 181 2.95 -2.68 10.93
C SER A 181 3.59 -1.92 9.77
N VAL A 182 3.38 -0.62 9.75
CA VAL A 182 3.62 0.17 8.50
C VAL A 182 5.10 0.38 8.13
N ASN A 183 6.02 0.22 9.04
CA ASN A 183 7.47 0.38 8.76
C ASN A 183 8.13 -0.95 8.50
N TYR A 184 7.89 -1.98 9.32
CA TYR A 184 8.71 -3.22 9.26
C TYR A 184 7.89 -4.45 8.95
N GLY A 185 6.57 -4.35 8.91
CA GLY A 185 5.76 -5.48 8.42
C GLY A 185 5.38 -6.43 9.55
N PRO A 186 4.48 -7.36 9.26
CA PRO A 186 3.95 -8.27 10.26
C PRO A 186 4.95 -9.37 10.68
N LEU A 187 4.64 -10.05 11.77
CA LEU A 187 5.51 -11.13 12.26
C LEU A 187 5.13 -12.45 11.61
N GLY A 188 3.83 -12.63 11.36
CA GLY A 188 3.31 -13.89 10.79
C GLY A 188 1.90 -13.74 10.29
N TYR A 189 1.47 -14.70 9.54
CA TYR A 189 0.13 -14.81 8.94
C TYR A 189 -0.50 -16.11 9.46
N ILE A 190 -1.79 -16.05 9.69
CA ILE A 190 -2.62 -17.16 10.22
C ILE A 190 -3.39 -17.77 9.07
N HIS A 191 -3.23 -19.06 8.85
CA HIS A 191 -3.97 -19.82 7.81
C HIS A 191 -4.49 -21.11 8.48
N ASN A 192 -5.78 -21.37 8.45
CA ASN A 192 -6.36 -22.60 9.07
C ASN A 192 -5.80 -22.88 10.49
N GLY A 193 -5.64 -21.87 11.33
CA GLY A 193 -5.29 -22.11 12.73
C GLY A 193 -3.81 -22.35 12.93
N LYS A 194 -2.98 -22.09 11.94
CA LYS A 194 -1.54 -22.22 12.05
C LYS A 194 -0.89 -20.88 11.70
N ILE A 195 0.23 -20.59 12.33
CA ILE A 195 1.03 -19.37 12.11
C ILE A 195 2.33 -19.71 11.44
N ASP A 196 2.63 -19.04 10.31
CA ASP A 196 3.97 -19.08 9.83
C ASP A 196 4.69 -17.80 10.24
N TYR A 197 5.45 -17.86 11.34
CA TYR A 197 6.24 -16.74 11.87
C TYR A 197 7.53 -16.61 11.08
N GLN A 198 7.80 -15.45 10.49
CA GLN A 198 9.04 -15.25 9.69
C GLN A 198 9.84 -14.05 10.25
N ARG A 199 9.31 -13.37 11.27
CA ARG A 199 9.94 -12.16 11.75
C ARG A 199 9.69 -12.05 13.22
N THR A 200 10.58 -11.30 13.90
CA THR A 200 10.44 -11.03 15.34
C THR A 200 11.00 -9.66 15.59
N PRO A 201 10.46 -8.89 16.56
CA PRO A 201 10.98 -7.54 16.81
C PRO A 201 12.40 -7.59 17.36
N ALA A 202 13.29 -6.74 16.86
CA ALA A 202 14.68 -6.67 17.30
C ALA A 202 14.74 -5.78 18.54
N ARG A 203 13.90 -4.75 18.68
CA ARG A 203 13.97 -3.82 19.80
C ARG A 203 13.62 -4.62 21.06
N LYS A 204 14.28 -4.30 22.18
CA LYS A 204 14.02 -4.95 23.46
C LYS A 204 12.58 -4.66 23.89
N HIS A 205 11.95 -5.66 24.47
CA HIS A 205 10.56 -5.55 24.98
C HIS A 205 10.38 -6.37 26.26
N THR A 206 9.24 -6.18 26.87
CA THR A 206 8.64 -6.96 27.99
C THR A 206 9.72 -7.12 29.09
N SER A 207 10.20 -8.34 29.33
CA SER A 207 11.06 -8.64 30.52
C SER A 207 12.46 -8.13 30.26
N ASP A 208 12.78 -7.73 29.01
CA ASP A 208 14.04 -7.09 28.69
C ASP A 208 14.05 -5.56 28.80
N THR A 209 13.07 -4.93 29.38
CA THR A 209 13.14 -3.45 29.53
C THR A 209 13.42 -3.11 30.97
N PRO A 210 13.85 -1.89 31.27
CA PRO A 210 13.98 -1.42 32.65
C PRO A 210 12.73 -0.89 33.28
N PHE A 211 11.60 -0.84 32.58
CA PHE A 211 10.40 -0.13 33.06
C PHE A 211 9.69 -1.09 34.02
N ASP A 212 9.29 -0.59 35.18
CA ASP A 212 8.61 -1.45 36.15
C ASP A 212 7.61 -0.63 36.75
N VAL A 213 6.33 -0.95 36.52
CA VAL A 213 5.26 -0.04 36.99
C VAL A 213 4.55 -0.70 38.19
N SER A 214 5.11 -1.79 38.74
CA SER A 214 4.51 -2.55 39.88
C SER A 214 4.08 -1.64 41.05
N LYS A 215 4.83 -0.58 41.33
CA LYS A 215 4.58 0.32 42.47
C LYS A 215 4.10 1.71 42.03
N LEU A 216 3.78 1.93 40.75
CA LEU A 216 3.28 3.27 40.34
C LEU A 216 1.77 3.26 40.38
N ASN A 217 1.22 4.38 40.81
CA ASN A 217 -0.21 4.66 40.72
C ASN A 217 -0.46 5.80 39.75
N GLU A 218 0.62 6.38 39.19
CA GLU A 218 0.42 7.45 38.22
C GLU A 218 1.64 7.41 37.32
N LEU A 219 1.46 7.99 36.14
CA LEU A 219 2.52 8.09 35.11
C LEU A 219 2.86 9.55 34.93
N PRO A 220 4.11 9.87 34.50
CA PRO A 220 4.42 11.22 34.13
C PRO A 220 3.46 11.80 33.09
N LYS A 221 3.24 13.10 33.16
CA LYS A 221 2.25 13.80 32.32
C LYS A 221 2.95 14.14 30.99
N VAL A 222 2.45 13.54 29.92
CA VAL A 222 3.02 13.77 28.56
C VAL A 222 1.85 14.08 27.60
N GLY A 223 1.89 15.22 26.94
CA GLY A 223 0.84 15.68 26.00
C GLY A 223 1.42 15.72 24.60
N ILE A 224 0.55 15.91 23.62
CA ILE A 224 0.92 15.89 22.19
C ILE A 224 0.38 17.16 21.58
N VAL A 225 1.22 17.87 20.79
CA VAL A 225 0.78 19.05 20.03
C VAL A 225 1.01 18.74 18.54
N TYR A 226 0.14 19.32 17.73
CA TYR A 226 0.10 19.11 16.27
C TYR A 226 0.78 20.32 15.59
N ASN A 227 1.49 20.06 14.50
CA ASN A 227 2.04 21.10 13.62
C ASN A 227 1.33 21.08 12.25
N TYR A 228 1.23 22.25 11.70
CA TYR A 228 0.49 22.59 10.45
C TYR A 228 0.81 24.03 10.13
N ALA A 229 0.34 24.45 8.99
CA ALA A 229 0.55 25.88 8.58
C ALA A 229 -0.08 26.82 9.58
N ASN A 230 0.64 27.86 9.95
CA ASN A 230 0.07 28.90 10.83
C ASN A 230 -0.22 28.33 12.25
N ALA A 231 0.47 27.26 12.70
CA ALA A 231 0.05 26.55 13.95
C ALA A 231 0.05 27.51 15.13
N SER A 232 -0.97 27.46 15.97
CA SER A 232 -0.96 28.20 17.28
C SER A 232 0.11 27.62 18.18
N ASP A 233 0.80 28.47 18.95
CA ASP A 233 1.61 28.00 20.04
C ASP A 233 0.83 27.78 21.37
N LEU A 234 -0.46 28.06 21.34
CA LEU A 234 -1.26 28.03 22.61
C LEU A 234 -1.32 26.63 23.24
N PRO A 235 -1.56 25.54 22.46
CA PRO A 235 -1.53 24.20 23.01
C PRO A 235 -0.21 23.91 23.74
N ALA A 236 0.93 24.14 23.11
CA ALA A 236 2.24 23.89 23.72
C ALA A 236 2.37 24.74 25.00
N LYS A 237 1.96 25.98 24.92
CA LYS A 237 2.14 26.89 26.09
C LYS A 237 1.21 26.38 27.24
N ALA A 238 0.04 25.87 26.91
CA ALA A 238 -0.91 25.37 27.95
C ALA A 238 -0.33 24.16 28.68
N LEU A 239 0.34 23.27 27.94
CA LEU A 239 0.97 22.10 28.55
C LEU A 239 2.17 22.52 29.43
N VAL A 240 2.95 23.46 28.97
CA VAL A 240 4.10 23.98 29.76
C VAL A 240 3.51 24.68 31.02
N ASP A 241 2.50 25.51 30.87
CA ASP A 241 1.88 26.19 32.04
C ASP A 241 1.35 25.28 33.04
N ALA A 242 0.94 24.08 32.65
CA ALA A 242 0.42 23.05 33.56
C ALA A 242 1.56 22.23 34.14
N GLY A 243 2.81 22.50 33.80
CA GLY A 243 3.93 21.73 34.36
C GLY A 243 3.98 20.32 33.82
N TYR A 244 3.65 20.09 32.53
CA TYR A 244 3.79 18.71 31.98
C TYR A 244 5.24 18.29 32.08
N ASP A 245 5.45 17.00 32.34
CA ASP A 245 6.76 16.42 32.37
C ASP A 245 7.33 16.36 30.95
N GLY A 246 6.44 16.09 29.97
CA GLY A 246 6.97 15.84 28.59
C GLY A 246 5.97 16.35 27.56
N ILE A 247 6.48 16.74 26.37
CA ILE A 247 5.59 17.10 25.25
C ILE A 247 6.13 16.37 24.03
N VAL A 248 5.22 15.68 23.34
CA VAL A 248 5.52 15.07 22.03
C VAL A 248 4.95 15.99 20.96
N SER A 249 5.79 16.32 19.95
CA SER A 249 5.39 17.15 18.79
C SER A 249 5.08 16.21 17.62
N ALA A 250 3.86 16.30 17.12
CA ALA A 250 3.47 15.69 15.82
C ALA A 250 3.89 16.74 14.77
N GLY A 251 5.15 16.62 14.37
CA GLY A 251 5.84 17.54 13.49
C GLY A 251 5.35 17.36 12.04
N VAL A 252 5.73 18.30 11.21
CA VAL A 252 5.56 18.14 9.74
C VAL A 252 6.80 17.50 9.18
N GLY A 253 6.63 16.75 8.09
CA GLY A 253 7.73 16.03 7.47
C GLY A 253 8.57 15.23 8.48
N ASN A 254 9.88 15.46 8.41
CA ASN A 254 10.84 14.80 9.30
C ASN A 254 10.94 15.52 10.64
N GLY A 255 9.83 15.50 11.38
CA GLY A 255 9.68 16.05 12.71
C GLY A 255 9.92 17.55 12.83
N ASN A 256 9.64 18.31 11.78
CA ASN A 256 9.83 19.78 11.80
C ASN A 256 8.69 20.44 12.54
N LEU A 257 8.96 21.64 13.01
CA LEU A 257 8.10 22.42 13.90
C LEU A 257 7.78 23.77 13.26
N TYR A 258 6.55 24.20 13.37
CA TYR A 258 6.14 25.59 13.04
C TYR A 258 6.94 26.49 13.98
N LYS A 259 7.36 27.63 13.51
CA LYS A 259 8.31 28.51 14.26
C LYS A 259 7.80 28.76 15.68
N SER A 260 6.55 29.18 15.86
CA SER A 260 6.11 29.57 17.23
C SER A 260 6.09 28.34 18.16
N VAL A 261 5.79 27.13 17.66
CA VAL A 261 5.81 25.88 18.41
C VAL A 261 7.27 25.59 18.78
N PHE A 262 8.19 25.70 17.82
CA PHE A 262 9.63 25.47 18.07
C PHE A 262 10.06 26.37 19.25
N ASP A 263 9.67 27.63 19.17
CA ASP A 263 10.15 28.59 20.16
C ASP A 263 9.68 28.21 21.57
N THR A 264 8.40 27.84 21.67
CA THR A 264 7.81 27.44 22.95
C THR A 264 8.49 26.19 23.47
N LEU A 265 8.71 25.18 22.61
CA LEU A 265 9.27 23.95 23.10
C LEU A 265 10.75 24.12 23.43
N ALA A 266 11.49 24.96 22.70
CA ALA A 266 12.92 25.22 23.02
C ALA A 266 13.02 25.87 24.41
N THR A 267 12.16 26.81 24.72
CA THR A 267 12.12 27.50 26.02
C THR A 267 11.78 26.46 27.07
N ALA A 268 10.73 25.66 26.84
CA ALA A 268 10.33 24.67 27.84
C ALA A 268 11.46 23.70 28.08
N ALA A 269 12.14 23.19 27.06
CA ALA A 269 13.21 22.19 27.29
C ALA A 269 14.36 22.80 28.15
N LYS A 270 14.61 24.10 28.03
CA LYS A 270 15.71 24.71 28.84
C LYS A 270 15.31 24.73 30.31
N THR A 271 14.01 24.72 30.65
CA THR A 271 13.53 24.67 32.05
C THR A 271 13.28 23.22 32.50
N GLY A 272 13.59 22.20 31.70
CA GLY A 272 13.57 20.78 32.11
C GLY A 272 12.42 19.98 31.51
N THR A 273 11.54 20.56 30.69
CA THR A 273 10.47 19.78 30.02
C THR A 273 11.13 18.85 29.02
N ALA A 274 10.84 17.56 29.02
CA ALA A 274 11.34 16.67 27.97
C ALA A 274 10.54 16.98 26.67
N VAL A 275 11.23 16.99 25.54
CA VAL A 275 10.58 17.31 24.22
C VAL A 275 10.98 16.22 23.25
N VAL A 276 9.98 15.52 22.73
CA VAL A 276 10.22 14.49 21.68
C VAL A 276 9.66 15.01 20.37
N ARG A 277 10.49 14.99 19.32
CA ARG A 277 10.02 15.28 18.01
C ARG A 277 9.59 13.95 17.36
N SER A 278 8.29 13.85 17.12
CA SER A 278 7.72 12.81 16.24
C SER A 278 7.16 13.51 14.99
N SER A 279 6.30 12.80 14.24
CA SER A 279 5.78 13.32 12.98
C SER A 279 4.30 12.92 12.82
N ARG A 280 3.53 13.83 12.28
CA ARG A 280 2.21 13.53 11.81
C ARG A 280 2.20 12.62 10.61
N VAL A 281 3.33 12.53 9.91
CA VAL A 281 3.44 11.71 8.67
C VAL A 281 3.36 10.24 9.08
N PRO A 282 2.50 9.44 8.42
CA PRO A 282 2.13 8.14 8.98
C PRO A 282 3.17 7.02 8.87
N THR A 283 4.23 7.18 8.08
CA THR A 283 5.30 6.18 7.98
C THR A 283 6.66 6.88 7.98
N GLY A 284 7.67 6.14 8.36
CA GLY A 284 9.07 6.58 8.27
C GLY A 284 9.50 7.21 9.58
N ALA A 285 10.82 7.28 9.77
CA ALA A 285 11.42 7.78 11.01
C ALA A 285 11.45 9.32 11.03
N THR A 286 11.34 9.86 12.25
CA THR A 286 11.83 11.18 12.59
C THR A 286 13.28 11.00 13.03
N THR A 287 14.24 11.41 12.21
CA THR A 287 15.65 11.07 12.41
C THR A 287 16.40 12.14 13.21
N GLN A 288 17.52 11.69 13.79
CA GLN A 288 18.59 12.61 14.30
C GLN A 288 19.31 13.21 13.10
N ASP A 289 19.96 14.36 13.23
CA ASP A 289 20.84 14.81 12.14
C ASP A 289 20.09 15.25 10.91
N ALA A 290 18.88 15.80 11.06
CA ALA A 290 18.20 16.45 9.91
C ALA A 290 18.16 17.95 10.14
N GLU A 291 16.99 18.60 10.04
CA GLU A 291 16.93 20.03 10.14
C GLU A 291 17.04 20.56 11.51
N VAL A 292 16.67 19.79 12.50
CA VAL A 292 16.68 20.29 13.90
C VAL A 292 17.94 19.76 14.61
N ASP A 293 18.64 20.66 15.29
CA ASP A 293 19.81 20.29 16.07
C ASP A 293 19.32 19.89 17.44
N ASP A 294 19.02 18.62 17.60
CA ASP A 294 18.36 18.18 18.83
C ASP A 294 19.29 18.41 20.06
N ALA A 295 20.58 18.16 19.89
CA ALA A 295 21.56 18.27 21.01
C ALA A 295 21.51 19.71 21.53
N LYS A 296 21.50 20.69 20.64
CA LYS A 296 21.51 22.11 21.03
C LYS A 296 20.25 22.43 21.84
N TYR A 297 19.09 21.89 21.46
CA TYR A 297 17.81 22.27 22.09
C TYR A 297 17.46 21.37 23.28
N GLY A 298 18.09 20.24 23.43
CA GLY A 298 17.71 19.26 24.45
C GLY A 298 16.48 18.43 23.98
N PHE A 299 16.36 18.21 22.68
CA PHE A 299 15.19 17.51 22.08
C PHE A 299 15.61 16.08 21.81
N VAL A 300 14.60 15.18 21.69
CA VAL A 300 14.81 13.75 21.38
C VAL A 300 14.06 13.50 20.07
N ALA A 301 14.63 12.71 19.17
CA ALA A 301 13.98 12.30 17.89
C ALA A 301 13.30 10.96 18.15
N SER A 302 12.06 10.78 17.64
CA SER A 302 11.27 9.61 18.04
C SER A 302 11.61 8.39 17.18
N GLY A 303 12.33 8.55 16.06
CA GLY A 303 12.49 7.45 15.11
C GLY A 303 11.13 7.06 14.49
N THR A 304 10.85 5.78 14.31
CA THR A 304 9.58 5.33 13.69
C THR A 304 8.38 5.48 14.62
N LEU A 305 8.57 5.87 15.90
CA LEU A 305 7.38 5.99 16.80
C LEU A 305 6.57 7.19 16.39
N ASN A 306 5.27 6.97 16.09
CA ASN A 306 4.29 8.00 15.80
C ASN A 306 3.97 8.73 17.11
N PRO A 307 3.23 9.84 17.05
CA PRO A 307 3.15 10.69 18.23
C PRO A 307 2.61 9.96 19.48
N GLN A 308 1.52 9.22 19.29
CA GLN A 308 0.86 8.49 20.41
C GLN A 308 1.80 7.39 20.92
N LYS A 309 2.58 6.76 20.08
CA LYS A 309 3.53 5.73 20.53
C LYS A 309 4.70 6.40 21.29
N ALA A 310 5.18 7.48 20.76
CA ALA A 310 6.28 8.24 21.37
C ALA A 310 5.85 8.71 22.77
N ARG A 311 4.61 9.11 22.95
CA ARG A 311 4.09 9.43 24.27
C ARG A 311 4.26 8.30 25.24
N VAL A 312 3.91 7.10 24.83
CA VAL A 312 4.02 5.91 25.70
C VAL A 312 5.49 5.77 26.16
N LEU A 313 6.43 5.76 25.21
CA LEU A 313 7.83 5.55 25.58
C LEU A 313 8.33 6.76 26.40
N LEU A 314 7.92 7.97 26.07
CA LEU A 314 8.41 9.15 26.84
C LEU A 314 7.91 9.06 28.28
N GLN A 315 6.64 8.73 28.50
CA GLN A 315 6.09 8.62 29.87
C GLN A 315 6.93 7.63 30.66
N LEU A 316 7.25 6.47 30.07
CA LEU A 316 8.02 5.40 30.73
C LEU A 316 9.49 5.82 30.86
N ALA A 317 10.08 6.49 29.88
CA ALA A 317 11.46 6.98 30.00
C ALA A 317 11.54 7.90 31.26
N LEU A 318 10.54 8.76 31.44
CA LEU A 318 10.51 9.78 32.46
C LEU A 318 10.32 9.13 33.84
N THR A 319 9.91 7.87 33.94
CA THR A 319 9.98 7.15 35.23
C THR A 319 11.42 6.80 35.57
N GLN A 320 12.36 6.90 34.66
CA GLN A 320 13.78 6.49 34.86
C GLN A 320 14.70 7.69 34.84
N THR A 321 14.41 8.73 34.07
CA THR A 321 15.41 9.81 33.78
C THR A 321 14.69 11.01 33.20
N LYS A 322 15.27 12.21 33.43
CA LYS A 322 14.82 13.45 32.80
C LYS A 322 15.93 13.95 31.88
N ASP A 323 16.99 13.19 31.69
CA ASP A 323 18.08 13.65 30.91
C ASP A 323 17.87 13.42 29.41
N PRO A 324 17.98 14.43 28.53
CA PRO A 324 17.66 14.27 27.11
C PRO A 324 18.51 13.23 26.39
N GLN A 325 19.81 13.14 26.71
CA GLN A 325 20.69 12.16 26.07
C GLN A 325 20.28 10.75 26.52
N GLN A 326 19.94 10.54 27.79
CA GLN A 326 19.52 9.18 28.22
C GLN A 326 18.12 8.88 27.62
N ILE A 327 17.27 9.89 27.47
CA ILE A 327 15.93 9.64 26.85
C ILE A 327 16.17 9.25 25.39
N GLN A 328 17.08 9.91 24.70
CA GLN A 328 17.42 9.55 23.31
C GLN A 328 17.90 8.11 23.23
N GLN A 329 18.80 7.68 24.12
CA GLN A 329 19.24 6.29 24.13
C GLN A 329 18.05 5.34 24.33
N ILE A 330 17.14 5.67 25.20
CA ILE A 330 15.93 4.82 25.38
C ILE A 330 15.15 4.77 24.04
N PHE A 331 15.01 5.88 23.34
CA PHE A 331 14.28 5.92 22.02
C PHE A 331 15.08 5.20 20.93
N ASN A 332 16.36 4.93 21.16
CA ASN A 332 17.22 4.14 20.23
C ASN A 332 17.20 2.64 20.55
N GLN A 333 16.60 2.19 21.65
CA GLN A 333 16.73 0.79 22.10
C GLN A 333 15.36 0.11 22.27
N TYR A 334 14.32 0.87 22.59
CA TYR A 334 12.99 0.31 22.93
C TYR A 334 11.92 0.78 21.89
N LEU B 9 5.78 26.97 -28.15
CA LEU B 9 6.00 26.42 -26.73
C LEU B 9 5.16 27.22 -25.76
N PRO B 10 4.47 26.59 -24.79
CA PRO B 10 3.68 27.35 -23.85
C PRO B 10 4.57 28.22 -22.95
N ASN B 11 3.97 29.29 -22.50
CA ASN B 11 4.59 30.19 -21.49
C ASN B 11 4.19 29.65 -20.09
N ILE B 12 5.17 29.34 -19.29
CA ILE B 12 4.90 28.79 -17.92
C ILE B 12 5.60 29.71 -16.94
N THR B 13 4.88 30.15 -15.93
CA THR B 13 5.42 30.90 -14.78
C THR B 13 5.70 29.98 -13.59
N ILE B 14 6.95 30.00 -13.08
CA ILE B 14 7.36 29.33 -11.84
C ILE B 14 7.30 30.37 -10.71
N LEU B 15 6.45 30.16 -9.73
CA LEU B 15 6.33 31.00 -8.49
C LEU B 15 7.06 30.26 -7.38
N ALA B 16 8.19 30.79 -6.91
CA ALA B 16 9.03 30.15 -5.88
C ALA B 16 8.58 30.62 -4.48
N THR B 17 8.45 29.68 -3.54
CA THR B 17 8.09 29.97 -2.16
C THR B 17 9.20 29.59 -1.20
N GLY B 18 10.10 28.72 -1.61
CA GLY B 18 11.08 28.17 -0.65
C GLY B 18 11.21 26.66 -0.79
N GLY B 19 11.58 25.94 0.26
CA GLY B 19 11.94 24.49 0.07
C GLY B 19 13.29 24.33 -0.64
N THR B 20 13.60 23.22 -1.34
CA THR B 20 15.01 22.91 -1.84
C THR B 20 15.37 23.69 -3.16
N ASN B 42 16.57 31.80 -13.76
CA ASN B 42 17.82 30.97 -13.86
C ASN B 42 17.58 29.44 -13.74
N LEU B 43 16.33 28.94 -13.73
CA LEU B 43 16.08 27.47 -13.60
C LEU B 43 16.26 26.82 -14.98
N VAL B 44 16.12 27.60 -16.06
CA VAL B 44 16.42 27.12 -17.45
C VAL B 44 17.89 26.69 -17.51
N ASN B 45 18.77 27.26 -16.69
CA ASN B 45 20.21 26.92 -16.67
C ASN B 45 20.44 25.61 -15.92
N ALA B 46 19.82 25.46 -14.75
CA ALA B 46 19.98 24.27 -13.88
C ALA B 46 19.34 23.04 -14.53
N VAL B 47 18.24 23.24 -15.25
CA VAL B 47 17.47 22.14 -15.91
C VAL B 47 17.27 22.62 -17.34
N PRO B 48 18.33 22.52 -18.16
CA PRO B 48 18.29 23.05 -19.53
C PRO B 48 17.19 22.41 -20.37
N GLN B 49 16.76 21.17 -20.02
CA GLN B 49 15.75 20.45 -20.82
C GLN B 49 14.42 21.22 -20.76
N LEU B 50 14.23 22.11 -19.78
CA LEU B 50 12.97 22.91 -19.70
C LEU B 50 12.76 23.66 -21.01
N LYS B 51 13.86 24.09 -21.65
CA LYS B 51 13.78 24.90 -22.89
C LYS B 51 13.06 24.09 -23.95
N ASP B 52 13.16 22.75 -23.91
CA ASP B 52 12.48 21.95 -24.93
C ASP B 52 11.02 21.88 -24.79
N ILE B 53 10.44 22.24 -23.63
CA ILE B 53 8.98 22.04 -23.43
C ILE B 53 8.24 23.35 -23.12
N ALA B 54 8.92 24.41 -22.62
CA ALA B 54 8.21 25.66 -22.29
C ALA B 54 9.14 26.87 -22.41
N ASN B 55 8.50 28.02 -22.47
CA ASN B 55 9.14 29.33 -22.17
C ASN B 55 8.86 29.66 -20.71
N VAL B 56 9.87 29.50 -19.86
CA VAL B 56 9.74 29.63 -18.41
C VAL B 56 10.17 31.01 -17.99
N LYS B 57 9.39 31.63 -17.13
CA LYS B 57 9.88 32.78 -16.31
C LYS B 57 9.55 32.46 -14.83
N GLY B 58 10.44 32.86 -13.92
CA GLY B 58 10.30 32.63 -12.45
C GLY B 58 10.22 33.92 -11.68
N GLU B 59 9.46 33.93 -10.61
CA GLU B 59 9.39 35.03 -9.66
C GLU B 59 9.41 34.44 -8.30
N GLN B 60 10.15 35.07 -7.43
CA GLN B 60 10.25 34.66 -6.01
C GLN B 60 9.09 35.32 -5.31
N VAL B 61 8.15 34.57 -4.76
CA VAL B 61 7.00 35.15 -4.03
C VAL B 61 7.39 35.34 -2.59
N VAL B 62 7.97 34.32 -1.96
CA VAL B 62 8.47 34.34 -0.57
C VAL B 62 9.61 33.37 -0.54
N ASN B 63 10.33 33.33 0.54
CA ASN B 63 11.42 32.37 0.69
C ASN B 63 11.33 31.78 2.09
N ILE B 64 10.51 30.73 2.28
CA ILE B 64 10.42 30.13 3.64
C ILE B 64 10.48 28.61 3.57
N GLY B 65 10.96 28.01 4.62
CA GLY B 65 10.79 26.55 4.88
C GLY B 65 9.30 26.30 5.01
N SER B 66 8.76 25.27 4.38
CA SER B 66 7.28 25.10 4.43
C SER B 66 6.76 24.72 5.83
N GLN B 67 7.62 24.36 6.75
CA GLN B 67 7.19 24.15 8.17
C GLN B 67 6.70 25.47 8.73
N ASP B 68 7.14 26.58 8.16
CA ASP B 68 6.66 27.91 8.53
C ASP B 68 5.65 28.56 7.67
N MET B 69 5.05 27.77 6.76
CA MET B 69 3.94 28.23 5.93
C MET B 69 2.81 28.83 6.79
N ASN B 70 2.12 29.81 6.25
CA ASN B 70 1.13 30.61 6.99
C ASN B 70 0.06 31.23 6.09
N ASP B 71 -1.00 31.79 6.71
CA ASP B 71 -2.18 32.29 6.04
C ASP B 71 -1.70 33.43 5.04
N ASN B 72 -0.71 34.22 5.44
CA ASN B 72 -0.34 35.43 4.65
C ASN B 72 0.25 34.97 3.31
N VAL B 73 1.04 33.90 3.33
CA VAL B 73 1.63 33.33 2.10
C VAL B 73 0.50 32.78 1.25
N TRP B 74 -0.45 32.05 1.86
CA TRP B 74 -1.58 31.53 1.09
C TRP B 74 -2.30 32.66 0.34
N LEU B 75 -2.70 33.68 1.10
CA LEU B 75 -3.47 34.80 0.50
C LEU B 75 -2.64 35.44 -0.64
N THR B 76 -1.34 35.68 -0.44
CA THR B 76 -0.46 36.29 -1.46
C THR B 76 -0.46 35.42 -2.71
N LEU B 77 -0.38 34.10 -2.54
CA LEU B 77 -0.26 33.19 -3.72
C LEU B 77 -1.57 33.20 -4.44
N ALA B 78 -2.68 33.02 -3.76
CA ALA B 78 -3.97 32.97 -4.45
C ALA B 78 -4.19 34.27 -5.25
N LYS B 79 -4.02 35.43 -4.62
CA LYS B 79 -4.19 36.72 -5.31
C LYS B 79 -3.26 36.83 -6.52
N LYS B 80 -2.01 36.41 -6.40
CA LYS B 80 -1.01 36.49 -7.48
C LYS B 80 -1.45 35.63 -8.65
N ILE B 81 -1.87 34.41 -8.39
CA ILE B 81 -2.29 33.52 -9.49
C ILE B 81 -3.55 34.07 -10.14
N ASN B 82 -4.46 34.55 -9.34
CA ASN B 82 -5.77 35.04 -9.83
C ASN B 82 -5.54 36.32 -10.66
N THR B 83 -4.63 37.14 -10.24
CA THR B 83 -4.29 38.41 -10.96
C THR B 83 -3.52 38.12 -12.23
N ASP B 84 -2.61 37.14 -12.23
CA ASP B 84 -1.70 36.89 -13.29
C ASP B 84 -2.17 35.86 -14.27
N CYS B 85 -3.36 35.32 -14.05
CA CYS B 85 -3.84 34.13 -14.80
C CYS B 85 -3.73 34.41 -16.33
N ASP B 86 -4.15 35.59 -16.78
N ASP B 86 -4.14 35.63 -16.72
CA ASP B 86 -4.26 35.80 -18.23
CA ASP B 86 -4.24 36.10 -18.12
C ASP B 86 -2.88 36.21 -18.85
C ASP B 86 -2.89 36.25 -18.83
N LYS B 87 -1.83 36.36 -18.04
CA LYS B 87 -0.47 36.70 -18.53
C LYS B 87 0.36 35.47 -18.86
N THR B 88 -0.14 34.24 -18.60
CA THR B 88 0.70 33.04 -18.80
C THR B 88 -0.18 31.88 -19.23
N ASP B 89 0.42 30.76 -19.66
CA ASP B 89 -0.41 29.63 -20.03
C ASP B 89 -0.55 28.59 -18.85
N GLY B 90 0.27 28.72 -17.80
CA GLY B 90 0.13 27.82 -16.63
C GLY B 90 1.16 28.14 -15.59
N PHE B 91 0.97 27.63 -14.37
CA PHE B 91 1.85 27.97 -13.23
C PHE B 91 2.47 26.71 -12.64
N VAL B 92 3.71 26.81 -12.21
CA VAL B 92 4.36 25.83 -11.33
C VAL B 92 4.71 26.58 -10.06
N ILE B 93 4.31 26.04 -8.90
CA ILE B 93 4.76 26.62 -7.60
C ILE B 93 5.75 25.71 -6.96
N THR B 94 6.95 26.18 -6.71
CA THR B 94 8.00 25.42 -6.02
C THR B 94 7.80 25.65 -4.52
N HIS B 95 7.82 24.59 -3.73
CA HIS B 95 7.34 24.64 -2.31
C HIS B 95 8.01 23.54 -1.51
N GLY B 96 8.22 23.80 -0.22
CA GLY B 96 8.70 22.79 0.71
C GLY B 96 7.67 21.63 0.77
N THR B 97 8.21 20.43 0.94
CA THR B 97 7.31 19.25 0.95
C THR B 97 6.52 19.13 2.25
N ASP B 98 7.01 19.71 3.37
CA ASP B 98 6.31 19.44 4.63
C ASP B 98 4.87 19.88 4.68
N THR B 99 4.50 21.05 4.08
CA THR B 99 3.10 21.55 4.08
C THR B 99 2.54 21.74 2.69
N MET B 100 3.19 21.18 1.68
CA MET B 100 2.70 21.31 0.28
C MET B 100 1.25 20.84 0.17
N GLU B 101 0.85 19.81 0.94
CA GLU B 101 -0.48 19.30 0.85
C GLU B 101 -1.53 20.30 1.35
N GLU B 102 -1.12 21.18 2.24
CA GLU B 102 -2.05 22.19 2.80
C GLU B 102 -2.22 23.34 1.80
N THR B 103 -1.09 23.88 1.34
CA THR B 103 -1.11 24.98 0.35
C THR B 103 -1.88 24.53 -0.89
N ALA B 104 -1.67 23.28 -1.30
CA ALA B 104 -2.26 22.81 -2.53
C ALA B 104 -3.77 22.84 -2.39
N TYR B 105 -4.30 22.41 -1.23
CA TYR B 105 -5.76 22.38 -1.06
C TYR B 105 -6.29 23.80 -0.95
N PHE B 106 -5.57 24.65 -0.26
CA PHE B 106 -6.05 26.08 -0.13
C PHE B 106 -6.19 26.69 -1.52
N LEU B 107 -5.15 26.52 -2.36
CA LEU B 107 -5.18 27.02 -3.75
C LEU B 107 -6.28 26.33 -4.55
N ASP B 108 -6.49 25.05 -4.32
CA ASP B 108 -7.52 24.33 -5.06
C ASP B 108 -8.90 24.95 -4.79
N LEU B 109 -9.10 25.58 -3.62
CA LEU B 109 -10.44 26.12 -3.21
C LEU B 109 -10.58 27.63 -3.60
N THR B 110 -9.46 28.32 -3.75
CA THR B 110 -9.41 29.80 -3.85
C THR B 110 -8.92 30.29 -5.23
N VAL B 111 -8.17 29.51 -5.98
CA VAL B 111 -7.73 29.89 -7.35
C VAL B 111 -8.94 29.87 -8.29
N LYS B 112 -9.08 30.93 -9.11
CA LYS B 112 -10.20 31.05 -10.10
C LYS B 112 -9.61 30.91 -11.51
N CYS B 113 -8.29 30.83 -11.65
CA CYS B 113 -7.64 30.50 -12.94
C CYS B 113 -7.80 28.98 -13.21
N ASP B 114 -8.45 28.56 -14.29
CA ASP B 114 -8.56 27.13 -14.60
C ASP B 114 -7.51 26.56 -15.54
N LYS B 115 -6.55 27.42 -15.86
CA LYS B 115 -5.27 26.99 -16.42
C LYS B 115 -4.53 26.12 -15.40
N PRO B 116 -3.65 25.23 -15.88
CA PRO B 116 -2.91 24.32 -14.99
C PRO B 116 -2.15 25.08 -13.91
N VAL B 117 -2.38 24.68 -12.67
CA VAL B 117 -1.64 25.17 -11.49
C VAL B 117 -1.05 23.95 -10.74
N VAL B 118 0.28 23.82 -10.80
CA VAL B 118 1.02 22.61 -10.40
C VAL B 118 2.00 22.96 -9.30
N MET B 119 1.93 22.28 -8.16
CA MET B 119 2.94 22.45 -7.11
C MET B 119 3.96 21.32 -7.18
N VAL B 120 5.16 21.66 -6.82
CA VAL B 120 6.28 20.70 -6.87
C VAL B 120 7.28 21.02 -5.81
N GLY B 121 7.93 19.99 -5.31
CA GLY B 121 9.04 20.08 -4.32
C GLY B 121 10.06 18.99 -4.60
N ALA B 122 10.91 18.77 -3.63
CA ALA B 122 11.97 17.75 -3.67
C ALA B 122 12.20 17.23 -2.27
N MET B 123 12.42 15.94 -2.16
CA MET B 123 12.68 15.25 -0.89
C MET B 123 14.18 15.11 -0.61
N ARG B 124 15.05 15.36 -1.58
CA ARG B 124 16.49 15.32 -1.37
C ARG B 124 17.05 16.71 -1.66
N PRO B 125 18.09 17.16 -0.92
CA PRO B 125 18.71 18.46 -1.20
C PRO B 125 19.21 18.51 -2.64
N SER B 126 19.12 19.65 -3.32
CA SER B 126 19.51 19.79 -4.73
C SER B 126 21.02 19.45 -4.92
N THR B 127 21.84 19.45 -3.86
CA THR B 127 23.29 19.15 -4.02
C THR B 127 23.56 17.68 -3.71
N SER B 128 22.55 16.88 -3.40
CA SER B 128 22.79 15.49 -2.93
C SER B 128 22.84 14.57 -4.15
N MET B 129 23.42 13.42 -3.92
CA MET B 129 23.45 12.31 -4.90
C MET B 129 22.01 11.96 -5.29
N SER B 130 21.81 11.84 -6.58
CA SER B 130 20.51 11.47 -7.19
C SER B 130 19.41 12.40 -6.65
N ALA B 131 19.69 13.69 -6.55
CA ALA B 131 18.72 14.76 -6.23
C ALA B 131 17.47 14.56 -7.07
N ASP B 132 16.28 14.57 -6.47
CA ASP B 132 15.05 14.43 -7.19
C ASP B 132 14.45 15.72 -7.78
N GLY B 133 14.91 16.87 -7.31
CA GLY B 133 14.30 18.15 -7.72
C GLY B 133 14.32 18.41 -9.22
N PRO B 134 15.45 18.15 -9.91
CA PRO B 134 15.50 18.50 -11.35
C PRO B 134 14.42 17.83 -12.18
N PHE B 135 14.26 16.50 -12.06
CA PHE B 135 13.26 15.77 -12.85
C PHE B 135 11.87 16.13 -12.33
N ASN B 136 11.72 16.37 -11.02
CA ASN B 136 10.41 16.73 -10.45
C ASN B 136 9.96 18.04 -11.13
N LEU B 137 10.88 19.00 -11.18
CA LEU B 137 10.54 20.31 -11.81
C LEU B 137 10.23 20.12 -13.28
N TYR B 138 11.03 19.37 -14.00
CA TYR B 138 10.74 19.06 -15.41
C TYR B 138 9.32 18.53 -15.55
N ASN B 139 8.99 17.49 -14.78
CA ASN B 139 7.65 16.89 -14.89
C ASN B 139 6.55 17.86 -14.50
N ALA B 140 6.81 18.76 -13.54
CA ALA B 140 5.83 19.76 -13.13
C ALA B 140 5.52 20.70 -14.33
N VAL B 141 6.53 21.13 -15.03
CA VAL B 141 6.38 21.99 -16.24
C VAL B 141 5.69 21.24 -17.36
N VAL B 142 6.04 19.93 -17.55
CA VAL B 142 5.30 19.08 -18.51
C VAL B 142 3.83 19.19 -18.16
N THR B 143 3.49 19.02 -16.88
CA THR B 143 2.09 18.94 -16.49
C THR B 143 1.43 20.31 -16.70
N ALA B 144 2.12 21.39 -16.31
CA ALA B 144 1.51 22.73 -16.43
C ALA B 144 1.32 23.10 -17.94
N ALA B 145 2.15 22.53 -18.80
CA ALA B 145 2.16 22.79 -20.27
C ALA B 145 1.11 21.95 -20.97
N ASP B 146 0.59 20.88 -20.33
CA ASP B 146 -0.42 20.05 -20.94
C ASP B 146 -1.77 20.65 -20.83
N LYS B 147 -2.42 20.84 -21.99
CA LYS B 147 -3.80 21.39 -22.04
C LYS B 147 -4.74 20.44 -21.29
N ALA B 148 -4.48 19.14 -21.30
CA ALA B 148 -5.34 18.18 -20.60
C ALA B 148 -5.28 18.43 -19.07
N SER B 149 -4.31 19.18 -18.57
CA SER B 149 -4.17 19.41 -17.10
C SER B 149 -5.21 20.43 -16.66
N ALA B 150 -5.74 21.22 -17.60
CA ALA B 150 -6.69 22.31 -17.26
C ALA B 150 -7.98 21.69 -16.73
N ASN B 151 -8.64 22.43 -15.87
CA ASN B 151 -9.95 22.07 -15.34
C ASN B 151 -9.84 20.88 -14.35
N ARG B 152 -8.65 20.53 -13.86
CA ARG B 152 -8.59 19.39 -12.92
C ARG B 152 -8.35 19.87 -11.54
N GLY B 153 -8.36 21.18 -11.35
CA GLY B 153 -8.04 21.78 -10.05
C GLY B 153 -6.55 21.91 -9.83
N VAL B 154 -6.13 22.35 -8.64
CA VAL B 154 -4.70 22.52 -8.36
C VAL B 154 -4.12 21.12 -8.16
N LEU B 155 -2.97 20.93 -8.74
CA LEU B 155 -2.26 19.61 -8.78
C LEU B 155 -0.96 19.68 -8.03
N VAL B 156 -0.49 18.49 -7.61
CA VAL B 156 0.83 18.24 -7.07
C VAL B 156 1.47 17.20 -7.97
N VAL B 157 2.67 17.46 -8.48
CA VAL B 157 3.37 16.54 -9.33
C VAL B 157 4.66 16.18 -8.61
N MET B 158 4.76 14.90 -8.30
CA MET B 158 5.90 14.29 -7.56
C MET B 158 6.05 12.84 -7.98
N ASN B 159 7.28 12.45 -8.23
CA ASN B 159 7.64 11.05 -8.53
C ASN B 159 6.76 10.57 -9.71
N ASP B 160 6.82 11.29 -10.81
CA ASP B 160 6.20 10.88 -12.07
C ASP B 160 4.72 10.72 -12.06
N THR B 161 4.04 11.39 -11.10
CA THR B 161 2.64 11.19 -10.77
C THR B 161 1.96 12.55 -10.66
N VAL B 162 0.79 12.66 -11.21
CA VAL B 162 -0.08 13.85 -11.12
C VAL B 162 -1.15 13.56 -10.05
N LEU B 163 -1.13 14.35 -9.00
CA LEU B 163 -2.00 14.13 -7.79
C LEU B 163 -2.90 15.34 -7.55
N ASP B 164 -4.18 15.10 -7.27
CA ASP B 164 -5.09 16.16 -7.04
C ASP B 164 -4.78 16.80 -5.69
N GLY B 165 -5.00 18.12 -5.60
CA GLY B 165 -4.63 18.85 -4.39
C GLY B 165 -5.46 18.49 -3.16
N ARG B 166 -6.67 17.97 -3.32
CA ARG B 166 -7.47 17.60 -2.18
C ARG B 166 -6.94 16.36 -1.48
N ASP B 167 -6.71 15.27 -2.22
CA ASP B 167 -6.39 13.99 -1.57
C ASP B 167 -4.93 13.78 -1.29
N VAL B 168 -4.09 14.57 -1.93
CA VAL B 168 -2.64 14.31 -1.93
C VAL B 168 -2.10 14.59 -0.52
N THR B 169 -1.25 13.72 -0.02
CA THR B 169 -0.66 13.82 1.34
C THR B 169 0.73 13.24 1.34
N LYS B 170 1.57 13.71 2.25
CA LYS B 170 2.91 13.19 2.48
C LYS B 170 2.80 11.93 3.34
N THR B 171 3.09 10.76 2.79
CA THR B 171 2.89 9.49 3.52
C THR B 171 4.13 9.01 4.25
N ASN B 172 5.32 9.46 3.88
CA ASN B 172 6.58 8.97 4.47
C ASN B 172 7.52 10.15 4.76
N THR B 173 8.27 10.06 5.84
CA THR B 173 9.16 11.19 6.27
C THR B 173 10.31 11.42 5.27
N THR B 174 10.78 10.42 4.55
CA THR B 174 12.05 10.56 3.76
C THR B 174 11.94 10.08 2.32
N ASP B 175 10.97 9.23 1.97
CA ASP B 175 10.98 8.59 0.64
C ASP B 175 10.67 9.59 -0.45
N VAL B 176 11.40 9.52 -1.57
CA VAL B 176 11.09 10.33 -2.78
C VAL B 176 9.69 10.05 -3.28
N ALA B 177 9.14 8.85 -3.02
CA ALA B 177 7.79 8.45 -3.45
C ALA B 177 6.74 8.80 -2.44
N THR B 178 7.05 9.68 -1.48
CA THR B 178 6.17 9.98 -0.34
C THR B 178 4.78 10.49 -0.70
N PHE B 179 4.58 11.33 -1.71
CA PHE B 179 3.27 11.95 -2.00
C PHE B 179 2.34 10.93 -2.66
N LYS B 180 1.18 10.73 -2.02
CA LYS B 180 0.14 9.81 -2.53
C LYS B 180 -1.21 10.44 -2.27
N SER B 181 -2.16 10.12 -3.14
CA SER B 181 -3.60 10.38 -3.00
C SER B 181 -4.16 9.12 -2.35
N VAL B 182 -4.19 9.09 -1.02
CA VAL B 182 -4.31 7.79 -0.28
C VAL B 182 -5.72 7.27 -0.29
N ASN B 183 -6.75 8.06 -0.59
CA ASN B 183 -8.13 7.57 -0.56
C ASN B 183 -8.59 7.27 -2.00
N TYR B 184 -8.30 8.13 -3.00
CA TYR B 184 -8.93 7.95 -4.36
C TYR B 184 -7.91 7.77 -5.46
N GLY B 185 -6.64 7.94 -5.16
CA GLY B 185 -5.55 7.62 -6.12
C GLY B 185 -5.25 8.81 -7.05
N PRO B 186 -4.23 8.63 -7.88
CA PRO B 186 -3.66 9.70 -8.69
C PRO B 186 -4.55 10.01 -9.90
N LEU B 187 -4.36 11.16 -10.52
CA LEU B 187 -5.12 11.51 -11.76
C LEU B 187 -4.45 10.91 -12.99
N GLY B 188 -3.11 10.87 -12.97
CA GLY B 188 -2.34 10.42 -14.16
C GLY B 188 -0.92 10.17 -13.84
N TYR B 189 -0.28 9.40 -14.70
CA TYR B 189 1.14 9.09 -14.60
C TYR B 189 1.85 9.68 -15.83
N ILE B 190 3.08 10.10 -15.60
CA ILE B 190 3.97 10.75 -16.58
C ILE B 190 5.00 9.77 -17.02
N HIS B 191 5.05 9.52 -18.35
CA HIS B 191 6.16 8.69 -18.93
CA HIS B 191 6.05 8.63 -18.97
C HIS B 191 6.67 9.41 -20.18
N ASN B 192 7.96 9.65 -20.26
N ASN B 192 7.96 9.68 -20.14
CA ASN B 192 8.62 10.28 -21.44
CA ASN B 192 8.73 10.37 -21.22
C ASN B 192 7.91 11.61 -21.71
C ASN B 192 7.93 11.60 -21.67
N GLY B 193 7.48 12.41 -20.70
CA GLY B 193 6.94 13.73 -21.02
C GLY B 193 5.52 13.72 -21.50
N LYS B 194 4.84 12.61 -21.35
CA LYS B 194 3.43 12.47 -21.73
C LYS B 194 2.61 11.99 -20.52
N ILE B 195 1.40 12.52 -20.38
CA ILE B 195 0.48 12.15 -19.29
C ILE B 195 -0.67 11.32 -19.84
N ASP B 196 -0.96 10.21 -19.18
CA ASP B 196 -2.19 9.53 -19.48
C ASP B 196 -3.12 9.79 -18.32
N TYR B 197 -4.02 10.75 -18.47
CA TYR B 197 -4.99 11.08 -17.43
C TYR B 197 -6.16 10.12 -17.44
N GLN B 198 -6.47 9.45 -16.33
CA GLN B 198 -7.59 8.52 -16.28
C GLN B 198 -8.66 8.97 -15.26
N ARG B 199 -8.40 10.04 -14.52
CA ARG B 199 -9.25 10.42 -13.41
C ARG B 199 -9.25 11.92 -13.31
N THR B 200 -10.35 12.41 -12.72
CA THR B 200 -10.43 13.86 -12.37
C THR B 200 -11.19 13.95 -11.06
N PRO B 201 -10.96 14.98 -10.26
CA PRO B 201 -11.65 15.02 -8.98
C PRO B 201 -13.11 15.41 -9.19
N ALA B 202 -14.02 14.68 -8.53
CA ALA B 202 -15.45 15.01 -8.64
C ALA B 202 -15.80 16.20 -7.71
N ARG B 203 -15.07 16.43 -6.62
CA ARG B 203 -15.43 17.52 -5.70
C ARG B 203 -15.20 18.83 -6.44
N LYS B 204 -16.04 19.81 -6.15
CA LYS B 204 -15.93 21.15 -6.74
C LYS B 204 -14.63 21.80 -6.30
N HIS B 205 -13.97 22.45 -7.26
CA HIS B 205 -12.70 23.15 -7.03
C HIS B 205 -12.68 24.47 -7.83
N THR B 206 -11.68 25.24 -7.50
CA THR B 206 -11.23 26.46 -8.24
C THR B 206 -12.44 27.38 -8.55
N SER B 207 -12.82 27.53 -9.80
CA SER B 207 -13.86 28.54 -10.23
C SER B 207 -15.26 28.00 -9.88
N ASP B 208 -15.42 26.74 -9.49
CA ASP B 208 -16.68 26.25 -8.98
C ASP B 208 -16.88 26.34 -7.48
N THR B 209 -16.03 27.05 -6.75
CA THR B 209 -16.28 27.22 -5.31
C THR B 209 -16.78 28.65 -5.09
N PRO B 210 -17.41 28.91 -3.95
CA PRO B 210 -17.80 30.28 -3.60
C PRO B 210 -16.73 31.07 -2.88
N PHE B 211 -15.55 30.50 -2.62
CA PHE B 211 -14.56 31.09 -1.69
C PHE B 211 -13.82 32.16 -2.51
N ASP B 212 -13.71 33.36 -2.01
CA ASP B 212 -13.10 34.43 -2.75
C ASP B 212 -12.29 35.18 -1.74
N VAL B 213 -10.98 35.08 -1.89
CA VAL B 213 -10.11 35.72 -0.87
C VAL B 213 -9.51 37.02 -1.44
N SER B 214 -10.06 37.54 -2.54
CA SER B 214 -9.47 38.72 -3.27
C SER B 214 -9.34 39.92 -2.33
N LYS B 215 -10.22 40.07 -1.41
CA LYS B 215 -10.22 41.28 -0.48
C LYS B 215 -9.73 40.94 0.93
N LEU B 216 -9.22 39.71 1.20
CA LEU B 216 -8.98 39.32 2.62
C LEU B 216 -7.55 39.52 2.89
N ASN B 217 -7.20 40.06 4.05
CA ASN B 217 -5.81 40.03 4.54
C ASN B 217 -5.63 39.08 5.73
N GLU B 218 -6.73 38.48 6.19
CA GLU B 218 -6.57 37.43 7.19
C GLU B 218 -7.68 36.48 7.03
N LEU B 219 -7.48 35.30 7.63
CA LEU B 219 -8.44 34.19 7.54
C LEU B 219 -8.95 33.92 8.97
N PRO B 220 -10.15 33.38 9.14
CA PRO B 220 -10.58 32.85 10.42
C PRO B 220 -9.53 31.94 11.09
N LYS B 221 -9.43 32.08 12.41
CA LYS B 221 -8.47 31.37 13.27
C LYS B 221 -9.03 29.96 13.51
N VAL B 222 -8.28 28.98 13.00
CA VAL B 222 -8.67 27.54 13.18
C VAL B 222 -7.46 26.81 13.68
N GLY B 223 -7.55 26.12 14.82
CA GLY B 223 -6.47 25.35 15.43
C GLY B 223 -6.77 23.85 15.34
N ILE B 224 -5.79 23.04 15.62
CA ILE B 224 -5.97 21.55 15.61
C ILE B 224 -5.56 21.01 16.98
N VAL B 225 -6.33 20.07 17.51
CA VAL B 225 -6.02 19.31 18.73
C VAL B 225 -5.96 17.81 18.41
N TYR B 226 -5.03 17.15 19.07
CA TYR B 226 -4.77 15.70 18.93
C TYR B 226 -5.48 14.91 20.02
N ASN B 227 -5.99 13.73 19.66
CA ASN B 227 -6.57 12.79 20.62
C ASN B 227 -5.68 11.53 20.71
N TYR B 228 -5.64 10.95 21.91
CA TYR B 228 -4.79 9.84 22.34
C TYR B 228 -5.27 9.47 23.76
N ALA B 229 -4.78 8.36 24.24
CA ALA B 229 -5.12 7.86 25.59
C ALA B 229 -4.75 8.95 26.64
N ASN B 230 -5.70 9.24 27.53
CA ASN B 230 -5.42 10.17 28.65
C ASN B 230 -5.24 11.60 28.11
N ALA B 231 -5.81 11.97 26.96
CA ALA B 231 -5.50 13.27 26.28
C ALA B 231 -5.83 14.42 27.21
N SER B 232 -4.96 15.40 27.27
CA SER B 232 -5.21 16.67 27.97
C SER B 232 -6.34 17.43 27.29
N ASP B 233 -7.24 18.08 28.06
CA ASP B 233 -8.12 19.05 27.54
C ASP B 233 -7.56 20.48 27.39
N LEU B 234 -6.35 20.67 27.84
CA LEU B 234 -5.78 22.04 27.92
C LEU B 234 -5.56 22.65 26.53
N PRO B 235 -5.03 21.94 25.50
CA PRO B 235 -4.96 22.54 24.16
C PRO B 235 -6.30 23.06 23.65
N ALA B 236 -7.36 22.24 23.74
CA ALA B 236 -8.68 22.65 23.29
C ALA B 236 -9.15 23.89 24.07
N LYS B 237 -8.93 23.85 25.39
CA LYS B 237 -9.37 24.95 26.24
C LYS B 237 -8.62 26.22 25.85
N ALA B 238 -7.32 26.11 25.59
CA ALA B 238 -6.51 27.30 25.21
C ALA B 238 -7.07 27.98 23.94
N LEU B 239 -7.43 27.18 22.91
CA LEU B 239 -7.97 27.76 21.66
C LEU B 239 -9.33 28.36 21.91
N VAL B 240 -10.19 27.71 22.73
CA VAL B 240 -11.49 28.35 23.09
C VAL B 240 -11.22 29.66 23.85
N ASP B 241 -10.35 29.64 24.81
CA ASP B 241 -10.10 30.86 25.62
C ASP B 241 -9.58 32.00 24.79
N ALA B 242 -8.90 31.70 23.68
CA ALA B 242 -8.35 32.70 22.76
C ALA B 242 -9.40 33.16 21.78
N GLY B 243 -10.58 32.60 21.79
CA GLY B 243 -11.63 33.05 20.87
C GLY B 243 -11.38 32.53 19.47
N TYR B 244 -10.82 31.32 19.30
CA TYR B 244 -10.65 30.79 17.92
C TYR B 244 -12.02 30.63 17.27
N ASP B 245 -12.07 30.87 15.96
CA ASP B 245 -13.28 30.73 15.20
C ASP B 245 -13.64 29.22 15.06
N GLY B 246 -12.61 28.39 14.96
CA GLY B 246 -12.82 26.96 14.69
C GLY B 246 -11.77 26.11 15.34
N ILE B 247 -12.15 24.84 15.61
CA ILE B 247 -11.18 23.83 16.10
C ILE B 247 -11.40 22.58 15.25
N VAL B 248 -10.30 22.05 14.74
CA VAL B 248 -10.32 20.70 14.12
C VAL B 248 -9.72 19.72 15.15
N SER B 249 -10.40 18.59 15.34
CA SER B 249 -9.97 17.47 16.16
C SER B 249 -9.37 16.39 15.27
N ALA B 250 -8.14 16.07 15.56
CA ALA B 250 -7.47 14.85 15.05
C ALA B 250 -7.90 13.73 16.01
N GLY B 251 -9.05 13.13 15.71
CA GLY B 251 -9.69 12.12 16.53
C GLY B 251 -9.01 10.79 16.44
N VAL B 252 -9.37 9.86 17.33
CA VAL B 252 -8.94 8.48 17.23
C VAL B 252 -9.95 7.71 16.39
N GLY B 253 -9.49 6.72 15.65
CA GLY B 253 -10.40 5.92 14.82
C GLY B 253 -11.27 6.81 13.95
N ASN B 254 -12.56 6.58 13.99
CA ASN B 254 -13.52 7.30 13.17
C ASN B 254 -13.90 8.67 13.78
N GLY B 255 -12.89 9.52 13.92
CA GLY B 255 -13.04 10.84 14.48
C GLY B 255 -13.48 10.90 15.96
N ASN B 256 -13.20 9.88 16.77
CA ASN B 256 -13.67 9.84 18.17
C ASN B 256 -12.79 10.74 19.04
N LEU B 257 -13.37 11.14 20.15
CA LEU B 257 -12.77 12.15 21.05
C LEU B 257 -12.59 11.53 22.44
N TYR B 258 -11.44 11.80 23.02
CA TYR B 258 -11.19 11.52 24.44
C TYR B 258 -12.24 12.26 25.26
N LYS B 259 -12.67 11.65 26.36
CA LYS B 259 -13.78 12.25 27.17
C LYS B 259 -13.60 13.72 27.47
N SER B 260 -12.44 14.13 27.98
CA SER B 260 -12.30 15.54 28.41
C SER B 260 -12.30 16.48 27.19
N VAL B 261 -11.79 16.03 26.03
CA VAL B 261 -11.76 16.79 24.78
C VAL B 261 -13.21 16.92 24.28
N PHE B 262 -13.97 15.84 24.37
CA PHE B 262 -15.39 15.84 23.95
C PHE B 262 -16.14 16.89 24.78
N ASP B 263 -15.84 16.96 26.05
CA ASP B 263 -16.53 17.88 26.93
C ASP B 263 -16.28 19.30 26.51
N THR B 264 -15.00 19.61 26.37
CA THR B 264 -14.59 20.99 25.95
C THR B 264 -15.21 21.36 24.60
N LEU B 265 -15.11 20.48 23.58
CA LEU B 265 -15.56 20.81 22.23
C LEU B 265 -17.07 20.83 22.19
N ALA B 266 -17.77 19.97 22.96
CA ALA B 266 -19.26 19.99 22.92
C ALA B 266 -19.79 21.32 23.49
N THR B 267 -19.14 21.85 24.52
CA THR B 267 -19.50 23.19 25.03
C THR B 267 -19.17 24.22 23.96
N ALA B 268 -17.97 24.14 23.42
CA ALA B 268 -17.51 25.17 22.45
C ALA B 268 -18.47 25.22 21.25
N ALA B 269 -18.95 24.05 20.77
CA ALA B 269 -19.75 24.02 19.55
C ALA B 269 -21.10 24.71 19.79
N LYS B 270 -21.58 24.76 21.03
CA LYS B 270 -22.92 25.34 21.34
C LYS B 270 -22.73 26.80 21.76
N THR B 271 -21.51 27.32 21.80
CA THR B 271 -21.23 28.67 22.34
C THR B 271 -20.33 29.44 21.39
N GLY B 272 -20.46 29.18 20.10
CA GLY B 272 -20.00 30.07 19.01
C GLY B 272 -18.70 29.60 18.35
N THR B 273 -18.17 28.40 18.62
CA THR B 273 -16.94 27.91 17.99
C THR B 273 -17.34 26.81 17.00
N ALA B 274 -16.83 26.84 15.80
CA ALA B 274 -17.08 25.73 14.84
C ALA B 274 -16.16 24.58 15.26
N VAL B 275 -16.64 23.35 15.18
CA VAL B 275 -15.88 22.14 15.58
C VAL B 275 -16.02 21.09 14.46
N VAL B 276 -14.88 20.76 13.88
CA VAL B 276 -14.80 19.72 12.85
C VAL B 276 -14.08 18.51 13.44
N ARG B 277 -14.72 17.32 13.31
CA ARG B 277 -14.12 16.09 13.67
C ARG B 277 -13.42 15.53 12.42
N SER B 278 -12.12 15.42 12.51
CA SER B 278 -11.25 14.72 11.57
C SER B 278 -10.64 13.54 12.33
N SER B 279 -9.62 12.95 11.78
CA SER B 279 -8.98 11.72 12.33
C SER B 279 -7.47 11.82 12.21
N ARG B 280 -6.78 11.29 13.22
CA ARG B 280 -5.33 11.16 13.15
C ARG B 280 -5.00 9.94 12.27
N VAL B 281 -5.99 9.07 12.03
CA VAL B 281 -5.80 7.88 11.15
C VAL B 281 -5.54 8.35 9.72
N PRO B 282 -4.50 7.81 9.05
CA PRO B 282 -3.99 8.45 7.81
C PRO B 282 -4.87 8.27 6.55
N THR B 283 -5.79 7.31 6.54
CA THR B 283 -6.66 7.00 5.40
C THR B 283 -8.06 6.75 5.91
N GLY B 284 -9.00 7.01 5.03
CA GLY B 284 -10.44 6.80 5.22
C GLY B 284 -11.13 8.00 5.80
N ALA B 285 -12.45 7.98 5.70
CA ALA B 285 -13.29 9.13 6.08
C ALA B 285 -13.54 9.11 7.60
N THR B 286 -13.73 10.28 8.15
CA THR B 286 -14.49 10.49 9.38
C THR B 286 -15.95 10.69 8.98
N THR B 287 -16.77 9.68 9.19
CA THR B 287 -18.10 9.58 8.58
C THR B 287 -19.17 10.24 9.46
N GLN B 288 -20.31 10.49 8.83
CA GLN B 288 -21.53 10.95 9.55
C GLN B 288 -22.20 9.69 10.07
N ASP B 289 -23.03 9.75 11.11
CA ASP B 289 -23.80 8.48 11.41
C ASP B 289 -22.99 7.29 11.86
N ALA B 290 -21.89 7.54 12.57
CA ALA B 290 -21.14 6.48 13.28
C ALA B 290 -21.32 6.70 14.77
N GLU B 291 -20.26 6.79 15.59
CA GLU B 291 -20.52 6.87 17.00
C GLU B 291 -20.92 8.20 17.50
N VAL B 292 -20.51 9.25 16.82
CA VAL B 292 -20.72 10.63 17.31
C VAL B 292 -21.86 11.24 16.51
N ASP B 293 -22.85 11.76 17.21
CA ASP B 293 -24.05 12.30 16.50
C ASP B 293 -23.82 13.74 16.27
N ASP B 294 -23.14 14.10 15.18
CA ASP B 294 -22.69 15.46 14.96
C ASP B 294 -23.84 16.50 14.95
N ALA B 295 -24.98 16.14 14.35
CA ALA B 295 -26.15 17.04 14.26
C ALA B 295 -26.53 17.51 15.67
N LYS B 296 -26.58 16.58 16.60
CA LYS B 296 -27.00 16.94 17.99
C LYS B 296 -25.92 17.78 18.67
N TYR B 297 -24.64 17.55 18.43
CA TYR B 297 -23.54 18.31 19.15
C TYR B 297 -23.21 19.62 18.46
N GLY B 298 -23.73 19.85 17.23
CA GLY B 298 -23.32 20.97 16.39
C GLY B 298 -21.89 20.83 15.87
N PHE B 299 -21.46 19.58 15.63
CA PHE B 299 -20.13 19.28 15.05
C PHE B 299 -20.31 19.05 13.55
N VAL B 300 -19.21 19.07 12.81
CA VAL B 300 -19.12 18.73 11.37
C VAL B 300 -18.13 17.55 11.27
N ALA B 301 -18.47 16.56 10.48
CA ALA B 301 -17.57 15.42 10.18
C ALA B 301 -16.73 15.75 8.94
N SER B 302 -15.43 15.48 8.98
CA SER B 302 -14.53 15.99 7.91
C SER B 302 -14.55 15.11 6.66
N GLY B 303 -15.10 13.90 6.72
CA GLY B 303 -14.94 13.00 5.58
C GLY B 303 -13.50 12.57 5.40
N THR B 304 -12.97 12.48 4.17
CA THR B 304 -11.60 12.03 3.95
C THR B 304 -10.60 13.11 4.26
N LEU B 305 -11.04 14.37 4.56
CA LEU B 305 -10.01 15.40 4.86
C LEU B 305 -9.34 15.10 6.19
N ASN B 306 -8.01 15.06 6.17
CA ASN B 306 -7.15 14.84 7.35
C ASN B 306 -7.13 16.17 8.10
N PRO B 307 -6.56 16.20 9.31
CA PRO B 307 -6.82 17.39 10.17
C PRO B 307 -6.36 18.69 9.48
N GLN B 308 -5.16 18.68 8.91
CA GLN B 308 -4.58 19.90 8.30
C GLN B 308 -5.42 20.32 7.09
N LYS B 309 -5.96 19.38 6.32
CA LYS B 309 -6.81 19.73 5.16
C LYS B 309 -8.16 20.23 5.65
N ALA B 310 -8.70 19.60 6.68
CA ALA B 310 -9.98 20.02 7.26
C ALA B 310 -9.84 21.47 7.77
N ARG B 311 -8.72 21.82 8.35
CA ARG B 311 -8.48 23.21 8.74
C ARG B 311 -8.61 24.15 7.59
N VAL B 312 -8.01 23.83 6.45
CA VAL B 312 -8.12 24.70 5.25
C VAL B 312 -9.58 24.94 4.91
N LEU B 313 -10.38 23.88 4.78
CA LEU B 313 -11.78 24.06 4.35
C LEU B 313 -12.56 24.73 5.44
N LEU B 314 -12.22 24.50 6.72
CA LEU B 314 -13.04 25.14 7.80
C LEU B 314 -12.76 26.65 7.78
N GLN B 315 -11.51 27.05 7.63
CA GLN B 315 -11.16 28.50 7.60
C GLN B 315 -11.96 29.17 6.48
N LEU B 316 -12.04 28.55 5.30
CA LEU B 316 -12.75 29.12 4.15
C LEU B 316 -14.25 28.99 4.37
N ALA B 317 -14.78 27.92 4.98
CA ALA B 317 -16.21 27.83 5.26
C ALA B 317 -16.61 29.04 6.15
N LEU B 318 -15.77 29.33 7.12
CA LEU B 318 -16.07 30.37 8.14
C LEU B 318 -15.98 31.77 7.51
N THR B 319 -15.43 31.95 6.31
CA THR B 319 -15.58 33.21 5.59
C THR B 319 -16.98 33.32 5.02
N GLN B 320 -17.79 32.29 4.99
CA GLN B 320 -19.13 32.32 4.34
C GLN B 320 -20.21 32.15 5.40
N THR B 321 -19.98 31.35 6.45
CA THR B 321 -21.10 30.91 7.35
C THR B 321 -20.51 30.42 8.67
N LYS B 322 -21.30 30.51 9.74
CA LYS B 322 -20.97 29.94 11.05
C LYS B 322 -22.00 28.86 11.38
N ASP B 323 -22.89 28.58 10.46
CA ASP B 323 -23.93 27.62 10.71
C ASP B 323 -23.43 26.17 10.52
N PRO B 324 -23.56 25.27 11.51
CA PRO B 324 -22.95 23.94 11.40
C PRO B 324 -23.52 23.09 10.26
N GLN B 325 -24.81 23.19 9.99
CA GLN B 325 -25.44 22.48 8.88
C GLN B 325 -24.87 22.98 7.54
N GLN B 326 -24.64 24.28 7.37
CA GLN B 326 -24.10 24.80 6.10
CA GLN B 326 -24.09 24.79 6.10
C GLN B 326 -22.62 24.41 6.04
N ILE B 327 -21.92 24.38 7.17
CA ILE B 327 -20.48 23.99 7.12
C ILE B 327 -20.41 22.51 6.75
N GLN B 328 -21.32 21.68 7.25
CA GLN B 328 -21.39 20.27 6.87
C GLN B 328 -21.61 20.15 5.37
N GLN B 329 -22.55 20.89 4.81
CA GLN B 329 -22.80 20.89 3.34
C GLN B 329 -21.49 21.24 2.58
N ILE B 330 -20.78 22.24 3.04
CA ILE B 330 -19.50 22.62 2.42
C ILE B 330 -18.52 21.43 2.49
N PHE B 331 -18.44 20.72 3.62
CA PHE B 331 -17.54 19.54 3.78
C PHE B 331 -18.04 18.37 2.94
N ASN B 332 -19.32 18.39 2.48
CA ASN B 332 -19.92 17.37 1.59
C ASN B 332 -19.70 17.69 0.12
N GLN B 333 -19.29 18.89 -0.25
CA GLN B 333 -19.29 19.35 -1.68
C GLN B 333 -17.89 19.72 -2.14
N TYR B 334 -17.03 20.19 -1.25
CA TYR B 334 -15.69 20.69 -1.60
C TYR B 334 -14.58 19.83 -0.94
N LEU C 9 39.07 1.35 6.26
CA LEU C 9 37.87 1.24 5.34
C LEU C 9 37.75 -0.21 4.86
N PRO C 10 36.56 -0.81 4.85
CA PRO C 10 36.41 -2.15 4.31
C PRO C 10 36.76 -2.23 2.83
N ASN C 11 37.20 -3.43 2.45
CA ASN C 11 37.39 -3.79 1.03
C ASN C 11 36.05 -4.32 0.49
N ILE C 12 35.51 -3.69 -0.54
CA ILE C 12 34.23 -4.14 -1.11
C ILE C 12 34.49 -4.40 -2.59
N THR C 13 34.07 -5.57 -3.05
CA THR C 13 34.08 -5.97 -4.46
C THR C 13 32.73 -5.72 -5.13
N ILE C 14 32.71 -4.97 -6.22
CA ILE C 14 31.58 -4.81 -7.12
C ILE C 14 31.69 -5.82 -8.24
N LEU C 15 30.74 -6.76 -8.35
CA LEU C 15 30.61 -7.65 -9.51
C LEU C 15 29.51 -7.12 -10.44
N ALA C 16 29.86 -6.65 -11.62
CA ALA C 16 28.94 -6.06 -12.63
C ALA C 16 28.37 -7.16 -13.52
N THR C 17 27.06 -7.15 -13.74
CA THR C 17 26.38 -8.10 -14.64
C THR C 17 25.68 -7.39 -15.79
N GLY C 18 25.51 -6.07 -15.68
CA GLY C 18 24.73 -5.33 -16.67
C GLY C 18 23.67 -4.43 -16.03
N GLY C 19 22.61 -4.09 -16.77
CA GLY C 19 21.59 -3.11 -16.31
C GLY C 19 22.02 -1.67 -16.57
N THR C 20 21.21 -0.65 -16.24
CA THR C 20 21.42 0.78 -16.64
C THR C 20 22.38 1.52 -15.67
N ILE C 21 23.53 0.96 -15.24
CA ILE C 21 24.20 1.34 -13.96
C ILE C 21 25.64 0.82 -13.95
N ASN C 45 33.66 5.83 -9.25
CA ASN C 45 34.47 6.86 -9.97
C ASN C 45 33.55 7.97 -10.55
N ALA C 46 32.46 7.57 -11.20
CA ALA C 46 31.23 8.36 -11.34
C ALA C 46 30.65 8.69 -9.95
N VAL C 47 31.02 7.94 -8.91
CA VAL C 47 30.48 8.09 -7.52
C VAL C 47 31.67 8.20 -6.57
N PRO C 48 32.39 9.34 -6.62
CA PRO C 48 33.63 9.48 -5.85
C PRO C 48 33.40 9.40 -4.34
N GLN C 49 32.16 9.59 -3.86
CA GLN C 49 31.83 9.50 -2.42
C GLN C 49 32.09 8.06 -1.93
N LEU C 50 32.12 7.07 -2.84
CA LEU C 50 32.45 5.67 -2.46
C LEU C 50 33.78 5.65 -1.72
N LYS C 51 34.73 6.53 -2.10
CA LYS C 51 36.11 6.53 -1.50
C LYS C 51 35.99 6.81 -0.01
N ASP C 52 34.95 7.55 0.43
CA ASP C 52 34.81 7.83 1.83
C ASP C 52 34.39 6.67 2.64
N ILE C 53 33.83 5.60 2.04
CA ILE C 53 33.23 4.52 2.86
C ILE C 53 33.85 3.15 2.59
N ALA C 54 34.48 2.94 1.46
CA ALA C 54 35.10 1.62 1.17
C ALA C 54 36.31 1.80 0.26
N ASN C 55 37.10 0.72 0.24
CA ASN C 55 38.08 0.50 -0.86
C ASN C 55 37.41 -0.41 -1.88
N VAL C 56 37.03 0.12 -3.03
CA VAL C 56 36.16 -0.58 -4.00
C VAL C 56 37.06 -1.12 -5.10
N LYS C 57 36.84 -2.36 -5.47
CA LYS C 57 37.42 -2.93 -6.71
C LYS C 57 36.27 -3.61 -7.44
N GLY C 58 36.23 -3.53 -8.75
CA GLY C 58 35.15 -4.03 -9.63
C GLY C 58 35.65 -5.07 -10.61
N GLU C 59 34.82 -6.06 -10.94
CA GLU C 59 35.07 -6.98 -12.02
C GLU C 59 33.77 -7.08 -12.77
N GLN C 60 33.88 -7.06 -14.08
CA GLN C 60 32.75 -7.35 -14.98
C GLN C 60 32.59 -8.86 -15.05
N VAL C 61 31.45 -9.41 -14.64
CA VAL C 61 31.19 -10.87 -14.79
C VAL C 61 30.59 -11.12 -16.15
N VAL C 62 29.62 -10.35 -16.55
CA VAL C 62 28.88 -10.43 -17.84
C VAL C 62 28.30 -9.06 -18.07
N ASN C 63 27.75 -8.83 -19.23
CA ASN C 63 27.18 -7.50 -19.51
C ASN C 63 25.87 -7.72 -20.24
N ILE C 64 24.77 -8.02 -19.55
CA ILE C 64 23.49 -8.29 -20.25
C ILE C 64 22.37 -7.49 -19.62
N GLY C 65 21.34 -7.17 -20.38
CA GLY C 65 20.05 -6.75 -19.82
C GLY C 65 19.52 -7.91 -18.98
N SER C 66 18.97 -7.62 -17.79
CA SER C 66 18.50 -8.70 -16.90
C SER C 66 17.32 -9.49 -17.47
N GLN C 67 16.64 -8.98 -18.50
CA GLN C 67 15.59 -9.72 -19.17
C GLN C 67 16.18 -10.97 -19.80
N ASP C 68 17.48 -10.96 -20.07
CA ASP C 68 18.16 -12.13 -20.59
C ASP C 68 18.96 -12.92 -19.58
N MET C 69 18.72 -12.67 -18.31
CA MET C 69 19.35 -13.47 -17.24
C MET C 69 19.06 -14.96 -17.40
N ASN C 70 20.01 -15.81 -17.00
CA ASN C 70 19.98 -17.25 -17.29
C ASN C 70 20.78 -18.05 -16.25
N ASP C 71 20.61 -19.38 -16.33
CA ASP C 71 21.17 -20.27 -15.39
C ASP C 71 22.76 -20.15 -15.36
N ASN C 72 23.37 -19.92 -16.51
CA ASN C 72 24.86 -19.88 -16.64
C ASN C 72 25.41 -18.73 -15.84
N VAL C 73 24.74 -17.58 -15.92
CA VAL C 73 25.14 -16.39 -15.14
C VAL C 73 24.98 -16.69 -13.66
N TRP C 74 23.87 -17.32 -13.25
CA TRP C 74 23.67 -17.61 -11.84
C TRP C 74 24.84 -18.49 -11.33
N LEU C 75 25.06 -19.59 -12.01
CA LEU C 75 26.15 -20.54 -11.64
C LEU C 75 27.49 -19.79 -11.57
N THR C 76 27.82 -18.97 -12.56
CA THR C 76 29.07 -18.16 -12.55
C THR C 76 29.13 -17.29 -11.30
N LEU C 77 28.03 -16.59 -11.00
CA LEU C 77 28.02 -15.66 -9.86
C LEU C 77 28.18 -16.37 -8.53
N ALA C 78 27.42 -17.44 -8.32
CA ALA C 78 27.49 -18.13 -7.02
C ALA C 78 28.96 -18.66 -6.81
N LYS C 79 29.51 -19.25 -7.83
CA LYS C 79 30.89 -19.83 -7.77
C LYS C 79 31.91 -18.73 -7.50
N LYS C 80 31.75 -17.59 -8.16
CA LYS C 80 32.69 -16.45 -7.99
C LYS C 80 32.62 -15.93 -6.55
N ILE C 81 31.42 -15.74 -6.01
CA ILE C 81 31.33 -15.18 -4.65
C ILE C 81 31.88 -16.21 -3.67
N ASN C 82 31.55 -17.47 -3.86
CA ASN C 82 31.96 -18.54 -2.92
C ASN C 82 33.52 -18.70 -2.96
N THR C 83 34.09 -18.59 -4.14
CA THR C 83 35.55 -18.72 -4.34
C THR C 83 36.29 -17.50 -3.79
N ASP C 84 35.73 -16.30 -3.96
CA ASP C 84 36.41 -15.09 -3.62
C ASP C 84 36.05 -14.55 -2.26
N CYS C 85 35.24 -15.26 -1.50
CA CYS C 85 34.71 -14.78 -0.20
C CYS C 85 35.86 -14.31 0.73
N ASP C 86 36.96 -15.06 0.76
CA ASP C 86 38.02 -14.71 1.77
C ASP C 86 38.94 -13.62 1.23
N LYS C 87 38.78 -13.19 -0.01
CA LYS C 87 39.56 -12.08 -0.59
C LYS C 87 38.99 -10.69 -0.27
N THR C 88 37.78 -10.57 0.28
CA THR C 88 37.13 -9.25 0.37
C THR C 88 36.31 -9.17 1.63
N ASP C 89 35.87 -7.93 1.96
CA ASP C 89 35.03 -7.82 3.15
C ASP C 89 33.47 -7.83 2.82
N GLY C 90 33.13 -7.75 1.55
CA GLY C 90 31.71 -7.81 1.12
C GLY C 90 31.55 -7.58 -0.36
N PHE C 91 30.40 -7.92 -0.90
CA PHE C 91 30.13 -7.85 -2.36
C PHE C 91 28.95 -6.92 -2.63
N VAL C 92 29.03 -6.22 -3.73
CA VAL C 92 27.90 -5.51 -4.35
C VAL C 92 27.80 -6.07 -5.74
N ILE C 93 26.63 -6.56 -6.11
CA ILE C 93 26.35 -7.00 -7.52
C ILE C 93 25.47 -5.97 -8.18
N THR C 94 25.96 -5.37 -9.24
CA THR C 94 25.17 -4.44 -10.05
C THR C 94 24.43 -5.29 -11.07
N HIS C 95 23.14 -5.05 -11.27
CA HIS C 95 22.26 -5.97 -12.07
C HIS C 95 21.07 -5.17 -12.59
N GLY C 96 20.50 -5.61 -13.71
CA GLY C 96 19.24 -5.06 -14.23
C GLY C 96 18.11 -5.29 -13.21
N THR C 97 17.17 -4.40 -13.16
CA THR C 97 16.06 -4.46 -12.20
C THR C 97 15.04 -5.53 -12.59
N ASP C 98 14.92 -5.84 -13.87
CA ASP C 98 13.85 -6.71 -14.31
C ASP C 98 13.85 -8.09 -13.65
N THR C 99 14.99 -8.74 -13.47
CA THR C 99 15.07 -10.10 -12.85
C THR C 99 15.96 -10.11 -11.61
N MET C 100 16.27 -8.94 -11.06
CA MET C 100 17.07 -8.84 -9.83
C MET C 100 16.46 -9.71 -8.73
N GLU C 101 15.16 -9.81 -8.65
CA GLU C 101 14.51 -10.52 -7.53
C GLU C 101 14.76 -12.03 -7.67
N GLU C 102 14.98 -12.50 -8.90
CA GLU C 102 15.22 -13.95 -9.12
C GLU C 102 16.69 -14.25 -8.78
N THR C 103 17.64 -13.48 -9.35
CA THR C 103 19.08 -13.63 -9.06
C THR C 103 19.29 -13.54 -7.57
N ALA C 104 18.63 -12.61 -6.90
CA ALA C 104 18.91 -12.38 -5.47
C ALA C 104 18.52 -13.66 -4.73
N TYR C 105 17.37 -14.24 -5.03
CA TYR C 105 16.90 -15.44 -4.31
C TYR C 105 17.84 -16.63 -4.64
N PHE C 106 18.22 -16.77 -5.88
CA PHE C 106 19.16 -17.84 -6.27
C PHE C 106 20.46 -17.73 -5.44
N LEU C 107 21.01 -16.52 -5.33
CA LEU C 107 22.25 -16.30 -4.58
C LEU C 107 21.96 -16.53 -3.09
N ASP C 108 20.81 -16.08 -2.60
CA ASP C 108 20.38 -16.30 -1.25
C ASP C 108 20.42 -17.76 -0.84
N LEU C 109 20.21 -18.66 -1.79
CA LEU C 109 20.13 -20.12 -1.49
C LEU C 109 21.50 -20.82 -1.70
N THR C 110 22.37 -20.29 -2.54
CA THR C 110 23.58 -20.95 -3.10
C THR C 110 24.90 -20.30 -2.64
N VAL C 111 24.88 -19.08 -2.15
CA VAL C 111 26.08 -18.40 -1.61
C VAL C 111 26.36 -18.98 -0.22
N LYS C 112 27.64 -19.30 0.05
CA LYS C 112 28.06 -19.88 1.35
C LYS C 112 28.93 -18.84 2.07
N CYS C 113 29.22 -17.73 1.46
CA CYS C 113 29.93 -16.57 2.10
C CYS C 113 28.93 -15.81 2.97
N ASP C 114 29.12 -15.72 4.30
CA ASP C 114 28.16 -14.93 5.13
C ASP C 114 28.51 -13.48 5.43
N LYS C 115 29.59 -13.06 4.78
CA LYS C 115 29.89 -11.61 4.57
C LYS C 115 28.74 -10.97 3.77
N PRO C 116 28.56 -9.64 3.87
CA PRO C 116 27.47 -8.93 3.17
C PRO C 116 27.56 -9.15 1.67
N VAL C 117 26.43 -9.58 1.09
CA VAL C 117 26.23 -9.73 -0.36
C VAL C 117 24.96 -8.93 -0.74
N VAL C 118 25.14 -7.85 -1.44
CA VAL C 118 24.10 -6.81 -1.72
C VAL C 118 23.95 -6.65 -3.23
N MET C 119 22.72 -6.78 -3.73
CA MET C 119 22.38 -6.48 -5.12
C MET C 119 21.83 -5.07 -5.25
N VAL C 120 22.09 -4.44 -6.36
CA VAL C 120 21.64 -3.05 -6.66
C VAL C 120 21.46 -2.87 -8.13
N GLY C 121 20.49 -2.04 -8.48
CA GLY C 121 20.25 -1.56 -9.84
C GLY C 121 19.71 -0.16 -9.83
N ALA C 122 19.17 0.24 -10.96
CA ALA C 122 18.65 1.59 -11.20
C ALA C 122 17.45 1.55 -12.09
N MET C 123 16.44 2.32 -11.72
CA MET C 123 15.20 2.39 -12.50
C MET C 123 15.27 3.49 -13.56
N ARG C 124 16.24 4.39 -13.51
CA ARG C 124 16.32 5.43 -14.54
C ARG C 124 17.70 5.33 -15.21
N PRO C 125 17.81 5.68 -16.50
CA PRO C 125 19.11 5.62 -17.20
C PRO C 125 20.14 6.53 -16.49
N SER C 126 21.43 6.17 -16.52
CA SER C 126 22.48 6.93 -15.82
C SER C 126 22.61 8.36 -16.40
N THR C 127 22.12 8.62 -17.58
CA THR C 127 22.24 9.96 -18.23
C THR C 127 20.96 10.75 -18.04
N SER C 128 19.94 10.22 -17.36
CA SER C 128 18.64 10.92 -17.29
C SER C 128 18.69 11.90 -16.10
N MET C 129 17.68 12.78 -16.12
CA MET C 129 17.53 13.74 -15.02
C MET C 129 17.18 12.97 -13.75
N SER C 130 17.84 13.30 -12.66
CA SER C 130 17.58 12.69 -11.32
C SER C 130 17.82 11.20 -11.41
N ALA C 131 18.84 10.76 -12.12
CA ALA C 131 19.23 9.32 -12.19
C ALA C 131 19.41 8.79 -10.76
N ASP C 132 18.80 7.64 -10.46
CA ASP C 132 18.84 7.05 -9.15
C ASP C 132 20.06 6.13 -8.91
N GLY C 133 20.74 5.71 -9.98
CA GLY C 133 21.86 4.76 -9.83
C GLY C 133 22.96 5.24 -8.90
N PRO C 134 23.44 6.50 -8.98
CA PRO C 134 24.56 6.90 -8.12
C PRO C 134 24.32 6.73 -6.61
N PHE C 135 23.20 7.26 -6.10
CA PHE C 135 22.84 7.10 -4.71
C PHE C 135 22.58 5.63 -4.37
N ASN C 136 21.94 4.91 -5.29
CA ASN C 136 21.61 3.49 -5.06
C ASN C 136 22.92 2.75 -4.83
N LEU C 137 23.87 3.01 -5.70
CA LEU C 137 25.20 2.37 -5.55
C LEU C 137 25.86 2.75 -4.22
N TYR C 138 25.88 4.02 -3.89
CA TYR C 138 26.45 4.45 -2.61
C TYR C 138 25.80 3.68 -1.46
N ASN C 139 24.47 3.64 -1.42
CA ASN C 139 23.77 2.95 -0.34
C ASN C 139 24.03 1.44 -0.34
N ALA C 140 24.22 0.85 -1.48
CA ALA C 140 24.54 -0.61 -1.61
C ALA C 140 25.90 -0.87 -0.93
N VAL C 141 26.87 0.01 -1.19
CA VAL C 141 28.23 -0.09 -0.58
C VAL C 141 28.15 0.17 0.91
N VAL C 142 27.34 1.16 1.35
CA VAL C 142 27.10 1.39 2.79
C VAL C 142 26.66 0.06 3.39
N THR C 143 25.71 -0.61 2.75
CA THR C 143 25.13 -1.84 3.32
C THR C 143 26.19 -2.93 3.35
N ALA C 144 26.96 -3.09 2.26
CA ALA C 144 27.96 -4.16 2.13
C ALA C 144 29.10 -3.93 3.17
N ALA C 145 29.33 -2.68 3.52
CA ALA C 145 30.39 -2.26 4.49
C ALA C 145 29.90 -2.37 5.91
N ASP C 146 28.57 -2.50 6.17
CA ASP C 146 28.05 -2.60 7.53
C ASP C 146 28.15 -4.00 7.98
N LYS C 147 28.91 -4.23 9.07
CA LYS C 147 29.14 -5.61 9.53
C LYS C 147 27.82 -6.15 10.05
N ALA C 148 26.86 -5.31 10.45
CA ALA C 148 25.51 -5.78 10.89
C ALA C 148 24.79 -6.41 9.67
N SER C 149 25.25 -6.18 8.43
CA SER C 149 24.56 -6.76 7.24
C SER C 149 24.88 -8.25 7.15
N ALA C 150 25.96 -8.70 7.79
CA ALA C 150 26.43 -10.09 7.69
C ALA C 150 25.36 -10.98 8.34
N ASN C 151 25.26 -12.18 7.85
CA ASN C 151 24.37 -13.21 8.41
C ASN C 151 22.89 -12.92 8.08
N ARG C 152 22.55 -11.97 7.19
CA ARG C 152 21.15 -11.71 6.91
C ARG C 152 20.70 -12.31 5.65
N GLY C 153 21.58 -13.05 4.97
CA GLY C 153 21.30 -13.58 3.62
C GLY C 153 21.63 -12.55 2.57
N VAL C 154 21.42 -12.89 1.31
CA VAL C 154 21.67 -11.96 0.20
C VAL C 154 20.58 -10.87 0.24
N LEU C 155 21.01 -9.63 0.12
CA LEU C 155 20.15 -8.42 0.22
C LEU C 155 20.01 -7.73 -1.12
N VAL C 156 18.92 -6.97 -1.26
CA VAL C 156 18.72 -5.98 -2.34
C VAL C 156 18.61 -4.63 -1.69
N VAL C 157 19.41 -3.67 -2.14
CA VAL C 157 19.30 -2.30 -1.58
C VAL C 157 18.86 -1.36 -2.68
N MET C 158 17.69 -0.75 -2.48
CA MET C 158 17.01 0.12 -3.47
C MET C 158 16.13 1.11 -2.71
N ASN C 159 16.19 2.37 -3.11
CA ASN C 159 15.36 3.44 -2.54
C ASN C 159 15.56 3.48 -1.02
N ASP C 160 16.83 3.51 -0.57
CA ASP C 160 17.17 3.73 0.81
C ASP C 160 16.73 2.67 1.78
N THR C 161 16.48 1.48 1.27
CA THR C 161 15.82 0.38 1.95
C THR C 161 16.66 -0.89 1.74
N VAL C 162 16.81 -1.67 2.80
CA VAL C 162 17.50 -2.97 2.78
C VAL C 162 16.43 -4.07 2.77
N LEU C 163 16.42 -4.85 1.69
CA LEU C 163 15.36 -5.87 1.46
C LEU C 163 16.00 -7.25 1.39
N ASP C 164 15.38 -8.25 2.01
CA ASP C 164 15.91 -9.62 1.96
C ASP C 164 15.61 -10.18 0.61
N GLY C 165 16.54 -11.04 0.15
CA GLY C 165 16.45 -11.59 -1.21
C GLY C 165 15.27 -12.52 -1.45
N ARG C 166 14.74 -13.15 -0.43
CA ARG C 166 13.61 -14.01 -0.55
C ARG C 166 12.30 -13.26 -0.93
N ASP C 167 11.93 -12.24 -0.16
CA ASP C 167 10.64 -11.60 -0.30
C ASP C 167 10.62 -10.44 -1.26
N VAL C 168 11.78 -9.93 -1.61
CA VAL C 168 11.89 -8.72 -2.43
C VAL C 168 11.36 -8.97 -3.82
N THR C 169 10.60 -8.03 -4.33
CA THR C 169 9.98 -8.14 -5.70
C THR C 169 9.78 -6.73 -6.28
N LYS C 170 9.79 -6.66 -7.62
CA LYS C 170 9.52 -5.43 -8.33
C LYS C 170 8.00 -5.23 -8.42
N THR C 171 7.48 -4.22 -7.75
CA THR C 171 6.02 -4.02 -7.63
C THR C 171 5.46 -3.08 -8.69
N ASN C 172 6.30 -2.26 -9.28
CA ASN C 172 5.86 -1.23 -10.26
C ASN C 172 6.82 -1.20 -11.46
N THR C 173 6.26 -1.02 -12.66
CA THR C 173 7.05 -1.11 -13.89
C THR C 173 8.03 0.08 -14.03
N THR C 174 7.79 1.23 -13.40
CA THR C 174 8.65 2.41 -13.66
C THR C 174 9.12 3.12 -12.39
N ASP C 175 8.46 2.96 -11.27
CA ASP C 175 8.74 3.84 -10.11
C ASP C 175 10.11 3.49 -9.52
N VAL C 176 10.88 4.51 -9.12
CA VAL C 176 12.18 4.29 -8.42
C VAL C 176 11.96 3.54 -7.11
N ALA C 177 10.73 3.61 -6.53
CA ALA C 177 10.43 2.97 -5.24
C ALA C 177 9.87 1.55 -5.46
N THR C 178 10.02 1.01 -6.62
CA THR C 178 9.38 -0.27 -7.05
C THR C 178 9.71 -1.44 -6.14
N PHE C 179 10.94 -1.60 -5.64
CA PHE C 179 11.31 -2.86 -4.87
C PHE C 179 10.76 -2.83 -3.49
N LYS C 180 9.99 -3.86 -3.18
CA LYS C 180 9.38 -4.01 -1.84
C LYS C 180 9.40 -5.46 -1.44
N SER C 181 9.47 -5.69 -0.13
CA SER C 181 9.28 -7.03 0.49
C SER C 181 7.79 -7.10 0.87
N VAL C 182 6.99 -7.57 -0.03
CA VAL C 182 5.51 -7.32 0.01
C VAL C 182 4.80 -8.14 1.04
N ASN C 183 5.38 -9.25 1.54
CA ASN C 183 4.73 -10.08 2.56
C ASN C 183 5.20 -9.73 3.96
N TYR C 184 6.48 -9.50 4.20
CA TYR C 184 7.07 -9.39 5.55
C TYR C 184 7.83 -8.12 5.79
N GLY C 185 8.01 -7.30 4.79
CA GLY C 185 8.60 -5.98 5.01
C GLY C 185 10.11 -5.97 4.97
N PRO C 186 10.68 -4.77 4.98
CA PRO C 186 12.12 -4.59 4.82
C PRO C 186 12.90 -4.96 6.10
N LEU C 187 14.20 -5.16 5.96
CA LEU C 187 15.09 -5.43 7.13
C LEU C 187 15.51 -4.16 7.84
N GLY C 188 15.70 -3.09 7.09
CA GLY C 188 16.24 -1.85 7.58
C GLY C 188 16.09 -0.71 6.61
N TYR C 189 16.22 0.50 7.13
CA TYR C 189 16.18 1.74 6.35
C TYR C 189 17.55 2.44 6.54
N ILE C 190 17.99 3.07 5.47
CA ILE C 190 19.30 3.81 5.41
C ILE C 190 18.98 5.29 5.52
N HIS C 191 19.57 5.93 6.52
CA HIS C 191 19.48 7.40 6.68
C HIS C 191 20.93 7.92 6.89
N ASN C 192 21.37 8.85 6.08
CA ASN C 192 22.71 9.52 6.19
C ASN C 192 23.81 8.46 6.36
N GLY C 193 23.77 7.37 5.61
CA GLY C 193 24.86 6.38 5.61
C GLY C 193 24.82 5.44 6.75
N LYS C 194 23.75 5.40 7.53
CA LYS C 194 23.61 4.45 8.64
C LYS C 194 22.36 3.60 8.43
N ILE C 195 22.39 2.36 8.92
CA ILE C 195 21.24 1.44 8.81
C ILE C 195 20.69 1.16 10.19
N ASP C 196 19.38 1.37 10.37
CA ASP C 196 18.75 0.81 11.54
C ASP C 196 18.09 -0.51 11.16
N TYR C 197 18.74 -1.62 11.49
CA TYR C 197 18.19 -2.97 11.20
C TYR C 197 17.20 -3.35 12.31
N GLN C 198 15.97 -3.72 11.99
CA GLN C 198 14.96 -4.12 13.00
C GLN C 198 14.47 -5.54 12.70
N ARG C 199 14.95 -6.17 11.63
CA ARG C 199 14.41 -7.46 11.21
C ARG C 199 15.48 -8.25 10.50
N THR C 200 15.31 -9.54 10.50
CA THR C 200 16.15 -10.50 9.79
C THR C 200 15.25 -11.64 9.31
N PRO C 201 15.61 -12.27 8.18
CA PRO C 201 14.79 -13.39 7.70
C PRO C 201 14.93 -14.63 8.59
N ALA C 202 13.81 -15.25 8.92
CA ALA C 202 13.76 -16.48 9.73
C ALA C 202 14.07 -17.71 8.84
N ARG C 203 13.71 -17.69 7.54
CA ARG C 203 13.88 -18.87 6.68
C ARG C 203 15.41 -19.03 6.52
N LYS C 204 15.84 -20.27 6.40
CA LYS C 204 17.25 -20.60 6.28
C LYS C 204 17.74 -20.07 4.93
N HIS C 205 18.96 -19.56 4.93
CA HIS C 205 19.60 -19.03 3.71
C HIS C 205 21.10 -19.36 3.74
N THR C 206 21.72 -19.06 2.62
CA THR C 206 23.19 -19.09 2.38
C THR C 206 23.80 -20.39 2.93
N SER C 207 24.61 -20.31 4.00
CA SER C 207 25.44 -21.46 4.51
C SER C 207 24.53 -22.42 5.27
N ASP C 208 23.29 -22.05 5.61
CA ASP C 208 22.35 -22.97 6.19
C ASP C 208 21.46 -23.71 5.21
N THR C 209 21.71 -23.63 3.90
CA THR C 209 20.89 -24.42 2.98
C THR C 209 21.71 -25.63 2.54
N PRO C 210 21.06 -26.65 1.97
CA PRO C 210 21.79 -27.77 1.41
C PRO C 210 22.25 -27.59 -0.03
N PHE C 211 21.95 -26.45 -0.68
CA PHE C 211 22.11 -26.32 -2.15
C PHE C 211 23.59 -26.01 -2.38
N ASP C 212 24.26 -26.76 -3.25
CA ASP C 212 25.68 -26.53 -3.46
C ASP C 212 25.86 -26.72 -4.92
N VAL C 213 26.13 -25.63 -5.59
CA VAL C 213 26.20 -25.68 -7.05
C VAL C 213 27.67 -25.66 -7.49
N SER C 214 28.62 -25.86 -6.57
CA SER C 214 30.09 -25.76 -6.85
C SER C 214 30.48 -26.64 -8.03
N LYS C 215 29.82 -27.79 -8.19
CA LYS C 215 30.20 -28.75 -9.28
C LYS C 215 29.17 -28.79 -10.42
N LEU C 216 28.20 -27.88 -10.48
CA LEU C 216 27.14 -27.98 -11.50
C LEU C 216 27.48 -27.07 -12.65
N ASN C 217 27.28 -27.53 -13.87
CA ASN C 217 27.38 -26.63 -15.04
C ASN C 217 26.02 -26.44 -15.68
N GLU C 218 25.00 -27.09 -15.17
CA GLU C 218 23.64 -26.83 -15.63
C GLU C 218 22.72 -27.02 -14.39
N LEU C 219 21.50 -26.51 -14.51
CA LEU C 219 20.42 -26.65 -13.48
C LEU C 219 19.27 -27.42 -14.09
N PRO C 220 18.46 -28.12 -13.29
CA PRO C 220 17.22 -28.72 -13.77
C PRO C 220 16.32 -27.76 -14.54
N LYS C 221 15.59 -28.28 -15.52
CA LYS C 221 14.73 -27.49 -16.39
C LYS C 221 13.39 -27.28 -15.67
N VAL C 222 13.10 -26.02 -15.38
CA VAL C 222 11.82 -25.65 -14.74
C VAL C 222 11.18 -24.52 -15.50
N GLY C 223 9.97 -24.72 -15.99
CA GLY C 223 9.18 -23.71 -16.71
C GLY C 223 8.00 -23.20 -15.90
N ILE C 224 7.46 -22.06 -16.32
CA ILE C 224 6.28 -21.43 -15.65
C ILE C 224 5.14 -21.36 -16.64
N VAL C 225 3.93 -21.76 -16.22
CA VAL C 225 2.68 -21.61 -16.98
C VAL C 225 1.72 -20.70 -16.21
N TYR C 226 1.03 -19.88 -16.96
CA TYR C 226 0.06 -18.88 -16.48
C TYR C 226 -1.35 -19.45 -16.50
N ASN C 227 -2.13 -19.12 -15.48
CA ASN C 227 -3.58 -19.44 -15.41
C ASN C 227 -4.42 -18.18 -15.48
N TYR C 228 -5.59 -18.35 -16.12
CA TYR C 228 -6.53 -17.27 -16.49
C TYR C 228 -7.77 -17.95 -17.08
N ALA C 229 -8.77 -17.16 -17.39
CA ALA C 229 -10.04 -17.68 -17.95
C ALA C 229 -9.74 -18.33 -19.30
N ASN C 230 -10.30 -19.53 -19.52
CA ASN C 230 -10.16 -20.20 -20.83
C ASN C 230 -8.70 -20.59 -21.13
N ALA C 231 -7.84 -20.80 -20.09
CA ALA C 231 -6.38 -20.98 -20.30
C ALA C 231 -6.12 -22.17 -21.24
N SER C 232 -5.23 -21.96 -22.22
CA SER C 232 -4.73 -23.06 -23.07
C SER C 232 -3.94 -24.07 -22.24
N ASP C 233 -4.09 -25.37 -22.49
CA ASP C 233 -3.18 -26.33 -21.94
C ASP C 233 -1.92 -26.56 -22.77
N LEU C 234 -1.78 -25.86 -23.87
CA LEU C 234 -0.64 -26.09 -24.79
C LEU C 234 0.70 -25.76 -24.17
N PRO C 235 0.89 -24.61 -23.45
CA PRO C 235 2.17 -24.34 -22.78
C PRO C 235 2.58 -25.48 -21.84
N ALA C 236 1.63 -25.96 -20.98
CA ALA C 236 2.00 -27.02 -20.03
C ALA C 236 2.41 -28.27 -20.81
N LYS C 237 1.65 -28.59 -21.83
CA LYS C 237 1.88 -29.81 -22.62
C LYS C 237 3.24 -29.71 -23.28
N ALA C 238 3.62 -28.53 -23.78
CA ALA C 238 4.90 -28.35 -24.48
C ALA C 238 6.05 -28.62 -23.51
N LEU C 239 5.94 -28.14 -22.25
CA LEU C 239 7.01 -28.36 -21.27
C LEU C 239 7.10 -29.87 -20.89
N VAL C 240 5.94 -30.52 -20.76
CA VAL C 240 5.94 -31.96 -20.45
C VAL C 240 6.56 -32.70 -21.65
N ASP C 241 6.15 -32.35 -22.86
CA ASP C 241 6.69 -33.05 -24.06
C ASP C 241 8.16 -32.93 -24.19
N ALA C 242 8.72 -31.83 -23.74
CA ALA C 242 10.18 -31.60 -23.75
C ALA C 242 10.87 -32.29 -22.55
N GLY C 243 10.14 -32.94 -21.66
CA GLY C 243 10.78 -33.61 -20.55
C GLY C 243 11.32 -32.65 -19.50
N TYR C 244 10.64 -31.54 -19.23
CA TYR C 244 11.09 -30.65 -18.13
C TYR C 244 11.04 -31.38 -16.79
N ASP C 245 11.99 -31.04 -15.93
CA ASP C 245 12.11 -31.65 -14.61
C ASP C 245 11.04 -31.10 -13.68
N GLY C 246 10.61 -29.83 -13.90
CA GLY C 246 9.66 -29.20 -12.98
C GLY C 246 8.80 -28.17 -13.74
N ILE C 247 7.59 -27.93 -13.25
CA ILE C 247 6.69 -26.87 -13.77
C ILE C 247 6.15 -26.12 -12.58
N VAL C 248 6.26 -24.81 -12.63
CA VAL C 248 5.60 -23.90 -11.69
C VAL C 248 4.36 -23.36 -12.35
N SER C 249 3.20 -23.47 -11.68
CA SER C 249 1.94 -22.83 -12.09
C SER C 249 1.80 -21.46 -11.41
N ALA C 250 1.70 -20.42 -12.20
CA ALA C 250 1.16 -19.11 -11.76
C ALA C 250 -0.36 -19.21 -11.75
N GLY C 251 -0.89 -19.70 -10.65
CA GLY C 251 -2.30 -20.02 -10.46
C GLY C 251 -3.13 -18.77 -10.26
N VAL C 252 -4.42 -18.92 -10.28
CA VAL C 252 -5.38 -17.88 -9.89
C VAL C 252 -5.72 -18.01 -8.41
N GLY C 253 -5.98 -16.88 -7.77
CA GLY C 253 -6.25 -16.89 -6.31
C GLY C 253 -5.20 -17.66 -5.55
N ASN C 254 -5.67 -18.56 -4.70
CA ASN C 254 -4.79 -19.40 -3.85
C ASN C 254 -4.25 -20.60 -4.63
N GLY C 255 -3.47 -20.34 -5.67
CA GLY C 255 -2.79 -21.30 -6.51
C GLY C 255 -3.72 -22.23 -7.27
N ASN C 256 -4.90 -21.81 -7.64
CA ASN C 256 -5.89 -22.65 -8.35
C ASN C 256 -5.53 -22.68 -9.82
N LEU C 257 -6.02 -23.74 -10.45
CA LEU C 257 -5.61 -24.04 -11.86
C LEU C 257 -6.88 -24.13 -12.71
N TYR C 258 -6.75 -23.63 -13.92
CA TYR C 258 -7.75 -23.85 -14.97
C TYR C 258 -7.81 -25.38 -15.20
N LYS C 259 -8.98 -25.92 -15.46
CA LYS C 259 -9.10 -27.41 -15.47
C LYS C 259 -8.15 -28.05 -16.50
N SER C 260 -7.99 -27.51 -17.70
CA SER C 260 -7.12 -28.24 -18.68
C SER C 260 -5.67 -28.20 -18.22
N VAL C 261 -5.23 -27.10 -17.56
CA VAL C 261 -3.88 -26.99 -17.01
C VAL C 261 -3.73 -28.00 -15.86
N PHE C 262 -4.74 -28.09 -15.01
CA PHE C 262 -4.72 -29.03 -13.86
C PHE C 262 -4.54 -30.45 -14.43
N ASP C 263 -5.32 -30.78 -15.43
CA ASP C 263 -5.27 -32.16 -16.05
C ASP C 263 -3.90 -32.49 -16.53
N THR C 264 -3.30 -31.56 -17.27
CA THR C 264 -1.93 -31.74 -17.82
C THR C 264 -0.94 -31.90 -16.70
N LEU C 265 -1.00 -31.06 -15.66
CA LEU C 265 0.02 -31.11 -14.60
C LEU C 265 -0.22 -32.34 -13.73
N ALA C 266 -1.46 -32.74 -13.52
CA ALA C 266 -1.75 -33.97 -12.72
C ALA C 266 -1.14 -35.19 -13.42
N THR C 267 -1.29 -35.28 -14.74
CA THR C 267 -0.75 -36.38 -15.53
C THR C 267 0.76 -36.31 -15.41
N ALA C 268 1.33 -35.13 -15.62
CA ALA C 268 2.78 -34.99 -15.60
C ALA C 268 3.32 -35.41 -14.23
N ALA C 269 2.71 -34.98 -13.12
CA ALA C 269 3.21 -35.33 -11.77
C ALA C 269 3.20 -36.86 -11.56
N LYS C 270 2.25 -37.56 -12.15
CA LYS C 270 2.20 -39.04 -11.99
C LYS C 270 3.33 -39.71 -12.76
N THR C 271 3.90 -39.03 -13.76
CA THR C 271 5.05 -39.57 -14.55
C THR C 271 6.37 -39.08 -13.94
N GLY C 272 6.34 -38.27 -12.88
CA GLY C 272 7.55 -37.83 -12.15
C GLY C 272 7.97 -36.37 -12.41
N THR C 273 7.24 -35.57 -13.17
CA THR C 273 7.50 -34.09 -13.26
C THR C 273 7.20 -33.48 -11.90
N ALA C 274 8.08 -32.67 -11.33
CA ALA C 274 7.74 -31.97 -10.07
C ALA C 274 6.79 -30.78 -10.43
N VAL C 275 5.74 -30.59 -9.66
CA VAL C 275 4.73 -29.53 -9.95
C VAL C 275 4.57 -28.70 -8.66
N VAL C 276 4.85 -27.42 -8.79
CA VAL C 276 4.70 -26.44 -7.71
C VAL C 276 3.57 -25.47 -8.07
N ARG C 277 2.58 -25.35 -7.21
CA ARG C 277 1.50 -24.41 -7.38
C ARG C 277 1.97 -23.12 -6.65
N SER C 278 2.13 -22.09 -7.44
CA SER C 278 2.30 -20.70 -6.97
C SER C 278 1.07 -19.91 -7.45
N SER C 279 1.14 -18.59 -7.47
CA SER C 279 0.00 -17.73 -7.78
C SER C 279 0.47 -16.49 -8.57
N ARG C 280 -0.31 -16.11 -9.56
CA ARG C 280 -0.17 -14.85 -10.24
C ARG C 280 -0.53 -13.67 -9.32
N VAL C 281 -1.19 -13.95 -8.19
CA VAL C 281 -1.60 -12.87 -7.25
C VAL C 281 -0.33 -12.36 -6.54
N PRO C 282 -0.09 -11.03 -6.49
CA PRO C 282 1.24 -10.53 -6.19
C PRO C 282 1.66 -10.55 -4.70
N THR C 283 0.73 -10.79 -3.79
CA THR C 283 1.04 -10.93 -2.37
C THR C 283 0.27 -12.10 -1.80
N GLY C 284 0.78 -12.61 -0.71
CA GLY C 284 0.12 -13.69 0.02
C GLY C 284 0.59 -15.05 -0.41
N ALA C 285 0.36 -16.03 0.48
CA ALA C 285 0.82 -17.42 0.26
C ALA C 285 -0.17 -18.18 -0.64
N THR C 286 0.41 -19.13 -1.36
CA THR C 286 -0.30 -20.30 -1.90
C THR C 286 -0.19 -21.38 -0.83
N THR C 287 -1.28 -21.65 -0.15
CA THR C 287 -1.26 -22.50 1.05
C THR C 287 -1.50 -23.97 0.70
N GLN C 288 -1.04 -24.82 1.59
CA GLN C 288 -1.47 -26.23 1.72
C GLN C 288 -2.86 -26.25 2.37
N ASP C 289 -3.64 -27.29 2.11
CA ASP C 289 -4.91 -27.45 2.80
C ASP C 289 -5.93 -26.42 2.38
N ALA C 290 -5.89 -25.99 1.11
CA ALA C 290 -6.95 -25.07 0.62
C ALA C 290 -7.82 -25.79 -0.38
N GLU C 291 -7.99 -25.31 -1.59
CA GLU C 291 -8.89 -26.02 -2.48
C GLU C 291 -8.27 -27.12 -3.20
N VAL C 292 -6.98 -27.13 -3.41
CA VAL C 292 -6.38 -28.24 -4.21
C VAL C 292 -5.86 -29.35 -3.30
N ASP C 293 -6.24 -30.60 -3.57
CA ASP C 293 -5.75 -31.74 -2.79
C ASP C 293 -4.35 -32.04 -3.27
N ASP C 294 -3.33 -31.44 -2.66
CA ASP C 294 -2.00 -31.59 -3.21
C ASP C 294 -1.43 -33.04 -3.05
N ALA C 295 -1.70 -33.64 -1.90
CA ALA C 295 -1.28 -35.04 -1.60
C ALA C 295 -1.86 -35.96 -2.64
N LYS C 296 -3.12 -35.80 -3.07
CA LYS C 296 -3.71 -36.68 -4.10
C LYS C 296 -2.91 -36.55 -5.37
N TYR C 297 -2.49 -35.32 -5.77
CA TYR C 297 -1.92 -35.11 -7.13
C TYR C 297 -0.40 -35.17 -7.11
N GLY C 298 0.23 -35.12 -5.96
CA GLY C 298 1.70 -35.06 -5.88
C GLY C 298 2.18 -33.61 -6.17
N PHE C 299 1.40 -32.62 -5.81
CA PHE C 299 1.74 -31.18 -6.04
C PHE C 299 2.36 -30.62 -4.78
N VAL C 300 3.12 -29.53 -4.94
CA VAL C 300 3.76 -28.77 -3.83
C VAL C 300 3.16 -27.38 -3.83
N ALA C 301 2.87 -26.82 -2.67
CA ALA C 301 2.36 -25.42 -2.57
C ALA C 301 3.55 -24.50 -2.32
N SER C 302 3.62 -23.35 -3.02
CA SER C 302 4.85 -22.49 -2.98
C SER C 302 4.89 -21.60 -1.76
N GLY C 303 3.84 -21.46 -0.97
CA GLY C 303 3.84 -20.46 0.11
C GLY C 303 3.90 -19.04 -0.47
N THR C 304 4.68 -18.15 0.13
CA THR C 304 4.71 -16.74 -0.33
C THR C 304 5.62 -16.59 -1.59
N LEU C 305 6.24 -17.67 -2.07
CA LEU C 305 7.06 -17.55 -3.27
C LEU C 305 6.20 -17.36 -4.50
N ASN C 306 6.42 -16.27 -5.23
CA ASN C 306 5.74 -15.94 -6.50
C ASN C 306 6.34 -16.87 -7.55
N PRO C 307 5.78 -16.91 -8.76
CA PRO C 307 6.15 -17.98 -9.68
C PRO C 307 7.63 -18.03 -10.02
N GLN C 308 8.22 -16.88 -10.29
CA GLN C 308 9.65 -16.81 -10.64
C GLN C 308 10.52 -17.19 -9.44
N LYS C 309 10.14 -16.86 -8.23
CA LYS C 309 10.95 -17.26 -7.06
C LYS C 309 10.76 -18.79 -6.84
N ALA C 310 9.54 -19.24 -6.97
CA ALA C 310 9.23 -20.66 -6.84
C ALA C 310 10.07 -21.46 -7.83
N ARG C 311 10.23 -21.00 -9.03
CA ARG C 311 11.16 -21.67 -10.00
C ARG C 311 12.52 -21.80 -9.48
N VAL C 312 13.07 -20.76 -8.89
CA VAL C 312 14.46 -20.81 -8.36
C VAL C 312 14.54 -21.92 -7.33
N LEU C 313 13.64 -21.95 -6.34
CA LEU C 313 13.73 -22.97 -5.29
C LEU C 313 13.45 -24.35 -5.88
N LEU C 314 12.54 -24.49 -6.83
CA LEU C 314 12.27 -25.81 -7.41
C LEU C 314 13.49 -26.34 -8.17
N GLN C 315 14.14 -25.52 -8.99
CA GLN C 315 15.30 -25.96 -9.75
C GLN C 315 16.40 -26.46 -8.77
N LEU C 316 16.55 -25.78 -7.63
CA LEU C 316 17.59 -26.18 -6.61
C LEU C 316 17.09 -27.40 -5.85
N ALA C 317 15.81 -27.50 -5.52
CA ALA C 317 15.30 -28.71 -4.86
C ALA C 317 15.62 -29.92 -5.76
N LEU C 318 15.42 -29.78 -7.07
CA LEU C 318 15.55 -30.89 -8.02
C LEU C 318 17.01 -31.30 -8.15
N THR C 319 17.98 -30.50 -7.72
CA THR C 319 19.38 -30.98 -7.60
C THR C 319 19.52 -31.95 -6.45
N GLN C 320 18.56 -32.08 -5.55
CA GLN C 320 18.68 -32.93 -4.34
C GLN C 320 17.65 -34.05 -4.40
N THR C 321 16.46 -33.84 -4.94
CA THR C 321 15.31 -34.77 -4.80
C THR C 321 14.27 -34.53 -5.89
N LYS C 322 13.56 -35.60 -6.25
CA LYS C 322 12.37 -35.57 -7.14
C LYS C 322 11.14 -35.94 -6.33
N ASP C 323 11.28 -36.09 -5.01
CA ASP C 323 10.19 -36.59 -4.21
C ASP C 323 9.30 -35.43 -3.81
N PRO C 324 7.97 -35.46 -4.09
CA PRO C 324 7.13 -34.29 -3.75
C PRO C 324 7.06 -33.93 -2.28
N GLN C 325 7.07 -34.92 -1.35
CA GLN C 325 7.04 -34.63 0.10
C GLN C 325 8.33 -33.94 0.48
N GLN C 326 9.49 -34.37 -0.04
CA GLN C 326 10.76 -33.72 0.30
C GLN C 326 10.77 -32.31 -0.34
N ILE C 327 10.21 -32.17 -1.51
CA ILE C 327 10.18 -30.81 -2.16
C ILE C 327 9.28 -29.91 -1.32
N GLN C 328 8.15 -30.40 -0.82
CA GLN C 328 7.27 -29.60 0.07
C GLN C 328 8.03 -29.17 1.31
N GLN C 329 8.77 -30.03 1.93
CA GLN C 329 9.60 -29.69 3.11
C GLN C 329 10.57 -28.56 2.76
N ILE C 330 11.26 -28.72 1.61
CA ILE C 330 12.16 -27.65 1.17
C ILE C 330 11.38 -26.31 1.06
N PHE C 331 10.17 -26.33 0.49
CA PHE C 331 9.36 -25.09 0.31
C PHE C 331 8.84 -24.57 1.67
N ASN C 332 8.85 -25.43 2.71
CA ASN C 332 8.48 -25.05 4.10
C ASN C 332 9.63 -24.48 4.90
N GLN C 333 10.88 -24.58 4.45
CA GLN C 333 12.04 -24.21 5.24
C GLN C 333 12.90 -23.13 4.57
N TYR C 334 12.86 -23.02 3.26
CA TYR C 334 13.77 -22.10 2.51
C TYR C 334 12.94 -21.04 1.73
N LEU D 9 -38.97 0.84 -4.01
CA LEU D 9 -37.63 0.09 -3.91
C LEU D 9 -37.21 -0.37 -5.28
N PRO D 10 -35.92 -0.25 -5.64
CA PRO D 10 -35.50 -0.69 -6.96
C PRO D 10 -35.62 -2.18 -7.13
N ASN D 11 -35.86 -2.57 -8.40
CA ASN D 11 -35.76 -4.00 -8.79
C ASN D 11 -34.30 -4.34 -9.10
N ILE D 12 -33.77 -5.37 -8.41
CA ILE D 12 -32.36 -5.74 -8.63
C ILE D 12 -32.35 -7.19 -8.99
N THR D 13 -31.68 -7.54 -10.08
CA THR D 13 -31.46 -8.94 -10.44
C THR D 13 -30.08 -9.45 -10.01
N ILE D 14 -30.04 -10.58 -9.32
CA ILE D 14 -28.79 -11.36 -9.02
C ILE D 14 -28.62 -12.41 -10.08
N LEU D 15 -27.53 -12.35 -10.86
CA LEU D 15 -27.13 -13.45 -11.75
C LEU D 15 -26.00 -14.21 -11.10
N ALA D 16 -26.24 -15.46 -10.67
CA ALA D 16 -25.27 -16.31 -9.98
C ALA D 16 -24.45 -17.14 -11.00
N THR D 17 -23.15 -17.18 -10.81
CA THR D 17 -22.23 -17.94 -11.65
C THR D 17 -21.51 -19.03 -10.88
N GLY D 18 -21.47 -18.94 -9.55
CA GLY D 18 -20.64 -19.86 -8.75
C GLY D 18 -19.79 -19.11 -7.73
N GLY D 19 -18.70 -19.71 -7.24
CA GLY D 19 -17.95 -19.06 -6.11
C GLY D 19 -18.57 -19.30 -4.74
N THR D 20 -17.98 -18.82 -3.62
CA THR D 20 -18.34 -19.21 -2.21
C THR D 20 -19.76 -18.72 -1.77
N ILE D 21 -20.35 -17.75 -2.44
CA ILE D 21 -21.35 -16.81 -1.83
C ILE D 21 -22.79 -17.20 -2.18
N VAL D 40 -32.27 -18.31 -7.10
CA VAL D 40 -31.23 -17.89 -6.11
C VAL D 40 -31.89 -17.70 -4.72
N GLU D 41 -32.89 -18.49 -4.37
CA GLU D 41 -33.64 -18.29 -3.09
C GLU D 41 -32.84 -18.64 -1.86
N ASN D 42 -31.94 -19.63 -1.97
CA ASN D 42 -30.80 -19.88 -1.03
C ASN D 42 -30.04 -18.60 -0.67
N LEU D 43 -29.37 -17.99 -1.66
CA LEU D 43 -28.68 -16.66 -1.61
C LEU D 43 -29.55 -15.61 -0.92
N VAL D 44 -30.72 -15.30 -1.47
CA VAL D 44 -31.53 -14.14 -0.98
C VAL D 44 -31.86 -14.36 0.50
N ASN D 45 -32.16 -15.62 0.88
CA ASN D 45 -32.75 -15.94 2.21
C ASN D 45 -31.69 -15.87 3.31
N ALA D 46 -30.44 -16.07 2.95
CA ALA D 46 -29.28 -15.89 3.85
C ALA D 46 -29.12 -14.42 4.24
N VAL D 47 -29.64 -13.46 3.47
CA VAL D 47 -29.37 -12.02 3.71
C VAL D 47 -30.73 -11.29 3.67
N PRO D 48 -31.56 -11.51 4.71
CA PRO D 48 -32.90 -10.92 4.71
C PRO D 48 -32.89 -9.38 4.66
N GLN D 49 -31.78 -8.75 5.05
CA GLN D 49 -31.69 -7.27 5.08
C GLN D 49 -31.81 -6.73 3.63
N LEU D 50 -31.55 -7.57 2.61
CA LEU D 50 -31.67 -7.12 1.19
C LEU D 50 -33.10 -6.58 0.96
N LYS D 51 -34.10 -7.15 1.65
CA LYS D 51 -35.53 -6.72 1.54
C LYS D 51 -35.67 -5.27 1.90
N ASP D 52 -34.80 -4.73 2.75
CA ASP D 52 -34.90 -3.31 3.07
C ASP D 52 -34.49 -2.38 2.00
N ILE D 53 -33.69 -2.84 1.05
CA ILE D 53 -33.11 -1.88 0.05
C ILE D 53 -33.51 -2.16 -1.40
N ALA D 54 -33.94 -3.37 -1.72
CA ALA D 54 -34.34 -3.70 -3.09
C ALA D 54 -35.43 -4.79 -3.09
N ASN D 55 -36.07 -4.85 -4.26
CA ASN D 55 -36.87 -6.06 -4.61
C ASN D 55 -35.92 -6.94 -5.43
N VAL D 56 -35.46 -8.03 -4.85
CA VAL D 56 -34.41 -8.88 -5.42
C VAL D 56 -35.07 -10.07 -6.08
N LYS D 57 -34.61 -10.39 -7.26
CA LYS D 57 -34.95 -11.65 -7.95
C LYS D 57 -33.63 -12.18 -8.50
N GLY D 58 -33.51 -13.44 -8.78
CA GLY D 58 -32.52 -13.72 -9.84
C GLY D 58 -32.41 -15.15 -10.17
N GLU D 59 -31.29 -15.52 -10.80
CA GLU D 59 -31.21 -16.78 -11.46
C GLU D 59 -29.81 -17.20 -11.52
N GLN D 60 -29.67 -18.49 -11.51
CA GLN D 60 -28.41 -19.20 -11.60
C GLN D 60 -28.10 -19.30 -13.09
N VAL D 61 -27.05 -18.66 -13.57
CA VAL D 61 -26.65 -18.73 -14.99
C VAL D 61 -25.80 -19.98 -15.22
N VAL D 62 -24.82 -20.20 -14.38
CA VAL D 62 -23.94 -21.38 -14.37
C VAL D 62 -23.53 -21.60 -12.92
N ASN D 63 -22.83 -22.67 -12.64
CA ASN D 63 -22.38 -22.89 -11.24
C ASN D 63 -21.00 -23.45 -11.35
N ILE D 64 -19.99 -22.60 -11.45
CA ILE D 64 -18.60 -23.10 -11.58
C ILE D 64 -17.68 -22.35 -10.64
N GLY D 65 -16.57 -22.99 -10.25
CA GLY D 65 -15.48 -22.23 -9.65
C GLY D 65 -14.93 -21.30 -10.70
N SER D 66 -14.58 -20.06 -10.32
CA SER D 66 -14.11 -19.05 -11.31
C SER D 66 -12.75 -19.45 -11.93
N GLN D 67 -12.01 -20.38 -11.32
CA GLN D 67 -10.75 -20.85 -11.91
C GLN D 67 -11.04 -21.50 -13.25
N ASP D 68 -12.26 -21.96 -13.43
CA ASP D 68 -12.68 -22.59 -14.68
C ASP D 68 -13.52 -21.71 -15.58
N MET D 69 -13.55 -20.40 -15.27
CA MET D 69 -14.29 -19.41 -16.06
C MET D 69 -13.78 -19.47 -17.53
N ASN D 70 -14.65 -19.16 -18.48
CA ASN D 70 -14.31 -19.35 -19.92
C ASN D 70 -15.13 -18.44 -20.83
N ASP D 71 -14.80 -18.43 -22.11
CA ASP D 71 -15.41 -17.58 -23.11
C ASP D 71 -16.91 -17.78 -23.16
N ASN D 72 -17.37 -19.06 -23.05
CA ASN D 72 -18.81 -19.37 -23.23
C ASN D 72 -19.62 -18.73 -22.13
N VAL D 73 -19.08 -18.71 -20.90
CA VAL D 73 -19.75 -18.07 -19.78
C VAL D 73 -19.78 -16.58 -20.04
N TRP D 74 -18.66 -16.00 -20.45
CA TRP D 74 -18.62 -14.55 -20.74
C TRP D 74 -19.70 -14.18 -21.76
N LEU D 75 -19.71 -14.87 -22.91
CA LEU D 75 -20.72 -14.58 -23.97
C LEU D 75 -22.15 -14.74 -23.41
N THR D 76 -22.43 -15.79 -22.64
CA THR D 76 -23.76 -16.01 -22.02
C THR D 76 -24.14 -14.81 -21.17
N LEU D 77 -23.21 -14.33 -20.34
CA LEU D 77 -23.50 -13.27 -19.40
C LEU D 77 -23.74 -11.98 -20.14
N ALA D 78 -22.84 -11.60 -21.05
CA ALA D 78 -23.02 -10.33 -21.73
C ALA D 78 -24.41 -10.31 -22.48
N LYS D 79 -24.74 -11.40 -23.15
CA LYS D 79 -26.01 -11.46 -23.94
C LYS D 79 -27.21 -11.40 -22.98
N LYS D 80 -27.06 -12.02 -21.80
CA LYS D 80 -28.16 -12.07 -20.84
C LYS D 80 -28.39 -10.68 -20.28
N ILE D 81 -27.33 -9.98 -19.90
CA ILE D 81 -27.47 -8.63 -19.34
C ILE D 81 -28.04 -7.71 -20.40
N ASN D 82 -27.52 -7.81 -21.61
CA ASN D 82 -27.93 -6.92 -22.71
C ASN D 82 -29.42 -7.17 -23.09
N THR D 83 -29.83 -8.40 -23.04
CA THR D 83 -31.23 -8.79 -23.40
C THR D 83 -32.19 -8.43 -22.26
N ASP D 84 -31.74 -8.52 -20.99
CA ASP D 84 -32.59 -8.35 -19.86
C ASP D 84 -32.57 -6.99 -19.27
N CYS D 85 -31.81 -6.07 -19.86
CA CYS D 85 -31.54 -4.73 -19.30
C CYS D 85 -32.88 -4.04 -18.90
N ASP D 86 -33.90 -4.15 -19.72
CA ASP D 86 -35.19 -3.39 -19.47
C ASP D 86 -36.06 -4.06 -18.49
N LYS D 87 -35.74 -5.26 -18.04
CA LYS D 87 -36.54 -5.99 -17.04
C LYS D 87 -36.19 -5.56 -15.62
N THR D 88 -35.11 -4.79 -15.40
CA THR D 88 -34.63 -4.58 -14.03
C THR D 88 -34.02 -3.21 -13.88
N ASP D 89 -33.77 -2.78 -12.66
CA ASP D 89 -33.11 -1.49 -12.46
C ASP D 89 -31.57 -1.59 -12.30
N GLY D 90 -31.05 -2.80 -12.07
CA GLY D 90 -29.60 -3.03 -11.95
C GLY D 90 -29.29 -4.49 -11.72
N PHE D 91 -28.05 -4.86 -11.96
CA PHE D 91 -27.61 -6.27 -11.83
C PHE D 91 -26.53 -6.46 -10.78
N VAL D 92 -26.57 -7.59 -10.08
CA VAL D 92 -25.46 -8.05 -9.23
C VAL D 92 -25.07 -9.40 -9.81
N ILE D 93 -23.82 -9.58 -10.12
CA ILE D 93 -23.29 -10.92 -10.54
C ILE D 93 -22.47 -11.51 -9.42
N THR D 94 -22.88 -12.66 -8.91
CA THR D 94 -22.14 -13.36 -7.87
C THR D 94 -21.13 -14.25 -8.63
N HIS D 95 -19.87 -14.25 -8.21
CA HIS D 95 -18.77 -14.84 -8.97
C HIS D 95 -17.67 -15.25 -8.03
N GLY D 96 -16.89 -16.28 -8.43
CA GLY D 96 -15.69 -16.68 -7.71
C GLY D 96 -14.67 -15.53 -7.79
N THR D 97 -13.91 -15.36 -6.72
CA THR D 97 -12.92 -14.26 -6.68
C THR D 97 -11.74 -14.46 -7.59
N ASP D 98 -11.39 -15.68 -7.96
CA ASP D 98 -10.09 -15.91 -8.58
C ASP D 98 -10.02 -15.22 -9.98
N THR D 99 -11.13 -15.21 -10.77
CA THR D 99 -11.10 -14.58 -12.10
C THR D 99 -12.14 -13.46 -12.21
N MET D 100 -12.67 -12.99 -11.09
CA MET D 100 -13.66 -11.89 -11.10
C MET D 100 -13.12 -10.69 -11.89
N GLU D 101 -11.84 -10.44 -11.79
CA GLU D 101 -11.27 -9.22 -12.39
C GLU D 101 -11.30 -9.32 -13.94
N GLU D 102 -11.27 -10.55 -14.45
CA GLU D 102 -11.26 -10.78 -15.90
C GLU D 102 -12.70 -10.63 -16.42
N THR D 103 -13.65 -11.34 -15.81
CA THR D 103 -15.08 -11.24 -16.18
C THR D 103 -15.52 -9.78 -16.12
N ALA D 104 -15.10 -9.07 -15.07
CA ALA D 104 -15.54 -7.68 -14.86
C ALA D 104 -15.13 -6.85 -16.09
N TYR D 105 -13.92 -7.01 -16.56
CA TYR D 105 -13.38 -6.19 -17.66
C TYR D 105 -14.05 -6.61 -18.97
N PHE D 106 -14.28 -7.90 -19.15
CA PHE D 106 -15.01 -8.38 -20.35
C PHE D 106 -16.39 -7.70 -20.43
N LEU D 107 -17.12 -7.75 -19.32
CA LEU D 107 -18.49 -7.19 -19.22
C LEU D 107 -18.37 -5.67 -19.38
N ASP D 108 -17.32 -5.07 -18.81
CA ASP D 108 -17.15 -3.62 -18.92
C ASP D 108 -17.06 -3.19 -20.38
N LEU D 109 -16.61 -4.05 -21.27
CA LEU D 109 -16.38 -3.71 -22.70
C LEU D 109 -17.57 -4.12 -23.60
N THR D 110 -18.36 -5.08 -23.18
CA THR D 110 -19.39 -5.75 -24.00
C THR D 110 -20.81 -5.43 -23.58
N VAL D 111 -21.06 -5.10 -22.32
CA VAL D 111 -22.41 -4.76 -21.81
C VAL D 111 -22.82 -3.39 -22.43
N LYS D 112 -24.07 -3.32 -22.90
CA LYS D 112 -24.63 -2.07 -23.55
C LYS D 112 -25.71 -1.49 -22.64
N CYS D 113 -26.03 -2.17 -21.55
CA CYS D 113 -26.99 -1.71 -20.54
C CYS D 113 -26.23 -0.69 -19.65
N ASP D 114 -26.64 0.56 -19.53
CA ASP D 114 -25.91 1.49 -18.63
C ASP D 114 -26.47 1.70 -17.24
N LYS D 115 -27.44 0.85 -16.96
CA LYS D 115 -27.87 0.60 -15.56
C LYS D 115 -26.65 0.02 -14.78
N PRO D 116 -26.65 0.10 -13.45
CA PRO D 116 -25.55 -0.44 -12.61
C PRO D 116 -25.41 -1.94 -12.84
N VAL D 117 -24.19 -2.38 -13.15
CA VAL D 117 -23.82 -3.81 -13.23
C VAL D 117 -22.64 -4.02 -12.26
N VAL D 118 -22.84 -4.78 -11.22
CA VAL D 118 -21.93 -4.91 -10.06
C VAL D 118 -21.58 -6.39 -9.84
N MET D 119 -20.30 -6.69 -9.81
CA MET D 119 -19.85 -8.06 -9.52
C MET D 119 -19.46 -8.13 -8.03
N VAL D 120 -19.64 -9.29 -7.46
CA VAL D 120 -19.35 -9.50 -6.02
C VAL D 120 -18.99 -10.96 -5.81
N GLY D 121 -18.08 -11.18 -4.88
CA GLY D 121 -17.72 -12.50 -4.36
C GLY D 121 -17.44 -12.48 -2.86
N ALA D 122 -16.79 -13.53 -2.39
CA ALA D 122 -16.44 -13.72 -0.98
C ALA D 122 -15.11 -14.43 -0.90
N MET D 123 -14.25 -13.96 0.03
CA MET D 123 -12.97 -14.57 0.27
C MET D 123 -13.01 -15.62 1.36
N ARG D 124 -14.12 -15.74 2.10
CA ARG D 124 -14.18 -16.79 3.13
C ARG D 124 -15.44 -17.62 2.83
N PRO D 125 -15.42 -18.93 3.10
CA PRO D 125 -16.59 -19.78 2.86
C PRO D 125 -17.79 -19.28 3.66
N SER D 126 -19.01 -19.39 3.09
CA SER D 126 -20.24 -18.86 3.74
C SER D 126 -20.49 -19.54 5.10
N THR D 127 -19.86 -20.69 5.35
CA THR D 127 -20.07 -21.43 6.63
C THR D 127 -18.98 -21.04 7.64
N SER D 128 -18.07 -20.15 7.30
CA SER D 128 -16.89 -19.89 8.14
C SER D 128 -17.26 -18.78 9.12
N MET D 129 -16.48 -18.72 10.20
N MET D 129 -16.48 -18.73 10.19
CA MET D 129 -16.58 -17.61 11.15
CA MET D 129 -16.48 -17.65 11.19
C MET D 129 -16.27 -16.33 10.37
C MET D 129 -16.23 -16.33 10.42
N SER D 130 -17.07 -15.33 10.68
CA SER D 130 -16.93 -13.94 10.13
C SER D 130 -16.92 -14.02 8.62
N ALA D 131 -17.76 -14.87 8.04
CA ALA D 131 -17.93 -14.97 6.56
C ALA D 131 -18.21 -13.55 6.00
N ASP D 132 -17.48 -13.18 4.96
CA ASP D 132 -17.66 -11.88 4.32
C ASP D 132 -18.76 -11.78 3.25
N GLY D 133 -19.27 -12.90 2.81
CA GLY D 133 -20.29 -12.98 1.76
C GLY D 133 -21.53 -12.15 2.02
N PRO D 134 -22.19 -12.30 3.20
CA PRO D 134 -23.45 -11.61 3.46
C PRO D 134 -23.37 -10.11 3.26
N PHE D 135 -22.41 -9.45 3.94
CA PHE D 135 -22.30 -8.00 3.85
C PHE D 135 -21.84 -7.63 2.45
N ASN D 136 -20.95 -8.42 1.84
CA ASN D 136 -20.47 -8.12 0.47
C ASN D 136 -21.69 -8.09 -0.46
N LEU D 137 -22.51 -9.10 -0.37
CA LEU D 137 -23.76 -9.10 -1.17
C LEU D 137 -24.63 -7.89 -0.87
N TYR D 138 -24.85 -7.57 0.40
CA TYR D 138 -25.64 -6.41 0.79
C TYR D 138 -25.09 -5.17 0.09
N ASN D 139 -23.79 -4.94 0.25
CA ASN D 139 -23.17 -3.73 -0.31
C ASN D 139 -23.24 -3.72 -1.86
N ALA D 140 -23.16 -4.88 -2.47
CA ALA D 140 -23.27 -4.99 -3.94
C ALA D 140 -24.69 -4.51 -4.37
N VAL D 141 -25.72 -4.98 -3.67
CA VAL D 141 -27.12 -4.52 -3.94
C VAL D 141 -27.31 -3.02 -3.66
N VAL D 142 -26.67 -2.52 -2.60
CA VAL D 142 -26.63 -1.05 -2.33
C VAL D 142 -26.11 -0.37 -3.60
N THR D 143 -25.01 -0.89 -4.13
CA THR D 143 -24.33 -0.22 -5.22
C THR D 143 -25.21 -0.27 -6.51
N ALA D 144 -25.79 -1.44 -6.77
CA ALA D 144 -26.58 -1.64 -7.97
C ALA D 144 -27.88 -0.80 -7.88
N ALA D 145 -28.34 -0.53 -6.66
CA ALA D 145 -29.60 0.20 -6.37
C ALA D 145 -29.33 1.71 -6.40
N ASP D 146 -28.07 2.15 -6.37
CA ASP D 146 -27.78 3.58 -6.37
C ASP D 146 -27.75 4.07 -7.81
N LYS D 147 -28.62 5.05 -8.10
CA LYS D 147 -28.71 5.64 -9.45
C LYS D 147 -27.36 6.31 -9.77
N ALA D 148 -26.60 6.79 -8.76
CA ALA D 148 -25.28 7.38 -9.04
C ALA D 148 -24.32 6.31 -9.57
N SER D 149 -24.63 5.02 -9.48
CA SER D 149 -23.71 3.96 -9.97
C SER D 149 -23.78 3.85 -11.50
N ALA D 150 -24.88 4.32 -12.09
CA ALA D 150 -25.13 4.19 -13.55
C ALA D 150 -24.04 4.98 -14.29
N ASN D 151 -23.75 4.53 -15.49
CA ASN D 151 -22.79 5.21 -16.39
C ASN D 151 -21.34 5.19 -15.84
N ARG D 152 -20.97 4.32 -14.86
CA ARG D 152 -19.57 4.27 -14.44
C ARG D 152 -18.88 3.03 -14.94
N GLY D 153 -19.56 2.29 -15.81
CA GLY D 153 -19.03 1.00 -16.31
C GLY D 153 -19.36 -0.12 -15.37
N VAL D 154 -18.89 -1.33 -15.68
CA VAL D 154 -19.17 -2.48 -14.79
C VAL D 154 -18.24 -2.33 -13.59
N LEU D 155 -18.78 -2.62 -12.42
CA LEU D 155 -18.13 -2.41 -11.12
C LEU D 155 -17.87 -3.73 -10.42
N VAL D 156 -16.91 -3.73 -9.52
CA VAL D 156 -16.67 -4.77 -8.50
C VAL D 156 -16.87 -4.13 -7.13
N VAL D 157 -17.69 -4.75 -6.28
CA VAL D 157 -17.90 -4.21 -4.90
C VAL D 157 -17.44 -5.23 -3.92
N MET D 158 -16.40 -4.86 -3.18
CA MET D 158 -15.77 -5.80 -2.22
C MET D 158 -15.19 -4.95 -1.10
N ASN D 159 -15.37 -5.42 0.12
CA ASN D 159 -14.76 -4.78 1.31
C ASN D 159 -15.15 -3.28 1.32
N ASP D 160 -16.45 -2.99 1.17
CA ASP D 160 -16.97 -1.68 1.39
C ASP D 160 -16.49 -0.62 0.40
N THR D 161 -16.02 -1.08 -0.76
CA THR D 161 -15.36 -0.27 -1.76
C THR D 161 -15.97 -0.59 -3.13
N VAL D 162 -16.15 0.44 -3.94
CA VAL D 162 -16.66 0.37 -5.33
C VAL D 162 -15.44 0.57 -6.23
N LEU D 163 -15.14 -0.46 -7.00
CA LEU D 163 -13.97 -0.52 -7.91
C LEU D 163 -14.43 -0.65 -9.37
N ASP D 164 -13.73 0.06 -10.26
CA ASP D 164 -14.01 -0.03 -11.68
C ASP D 164 -13.51 -1.32 -12.20
N GLY D 165 -14.24 -1.87 -13.17
CA GLY D 165 -13.89 -3.19 -13.74
C GLY D 165 -12.59 -3.25 -14.50
N ARG D 166 -12.10 -2.14 -15.03
CA ARG D 166 -10.84 -2.14 -15.72
C ARG D 166 -9.61 -2.32 -14.78
N ASP D 167 -9.50 -1.48 -13.75
CA ASP D 167 -8.32 -1.47 -12.91
C ASP D 167 -8.33 -2.44 -11.77
N VAL D 168 -9.51 -2.96 -11.44
CA VAL D 168 -9.64 -3.78 -10.19
C VAL D 168 -8.89 -5.10 -10.41
N THR D 169 -8.17 -5.52 -9.39
CA THR D 169 -7.41 -6.81 -9.40
C THR D 169 -7.37 -7.42 -8.01
N LYS D 170 -7.14 -8.72 -7.97
CA LYS D 170 -6.93 -9.44 -6.71
C LYS D 170 -5.46 -9.28 -6.32
N THR D 171 -5.21 -8.60 -5.20
CA THR D 171 -3.81 -8.31 -4.82
C THR D 171 -3.24 -9.32 -3.85
N ASN D 172 -4.09 -10.05 -3.15
CA ASN D 172 -3.66 -10.95 -2.04
C ASN D 172 -4.41 -12.28 -2.18
N THR D 173 -3.72 -13.40 -1.87
CA THR D 173 -4.32 -14.74 -2.02
C THR D 173 -5.43 -15.02 -0.99
N THR D 174 -5.44 -14.44 0.19
CA THR D 174 -6.42 -14.83 1.25
C THR D 174 -7.14 -13.62 1.87
N ASP D 175 -6.59 -12.42 1.84
CA ASP D 175 -7.16 -11.30 2.60
C ASP D 175 -8.56 -10.88 2.11
N VAL D 176 -9.51 -10.66 3.01
CA VAL D 176 -10.87 -10.12 2.64
C VAL D 176 -10.73 -8.79 1.89
N ALA D 177 -9.65 -8.06 2.12
CA ALA D 177 -9.42 -6.73 1.55
C ALA D 177 -8.64 -6.82 0.24
N THR D 178 -8.55 -8.00 -0.35
CA THR D 178 -7.71 -8.28 -1.52
C THR D 178 -8.01 -7.39 -2.75
N PHE D 179 -9.25 -7.07 -3.12
CA PHE D 179 -9.55 -6.36 -4.39
C PHE D 179 -9.20 -4.89 -4.26
N LYS D 180 -8.30 -4.46 -5.14
CA LYS D 180 -7.89 -3.02 -5.21
C LYS D 180 -7.78 -2.62 -6.67
N SER D 181 -7.98 -1.33 -6.91
CA SER D 181 -7.70 -0.65 -8.19
C SER D 181 -6.31 -0.08 -8.04
N VAL D 182 -5.33 -0.86 -8.41
CA VAL D 182 -3.93 -0.63 -7.96
C VAL D 182 -3.25 0.52 -8.67
N ASN D 183 -3.74 0.95 -9.83
CA ASN D 183 -3.14 2.07 -10.55
C ASN D 183 -3.86 3.39 -10.28
N TYR D 184 -5.19 3.43 -10.32
CA TYR D 184 -5.91 4.74 -10.25
C TYR D 184 -6.86 4.86 -9.04
N GLY D 185 -7.05 3.78 -8.27
CA GLY D 185 -7.85 3.87 -7.04
C GLY D 185 -9.30 3.59 -7.25
N PRO D 186 -10.04 3.53 -6.14
CA PRO D 186 -11.45 3.18 -6.17
C PRO D 186 -12.35 4.36 -6.62
N LEU D 187 -13.57 4.09 -7.00
CA LEU D 187 -14.53 5.15 -7.40
C LEU D 187 -15.22 5.73 -6.19
N GLY D 188 -15.51 4.88 -5.20
CA GLY D 188 -16.31 5.24 -4.04
C GLY D 188 -16.18 4.29 -2.90
N TYR D 189 -16.54 4.77 -1.73
CA TYR D 189 -16.56 3.95 -0.51
C TYR D 189 -18.00 3.96 0.01
N ILE D 190 -18.37 2.85 0.61
CA ILE D 190 -19.71 2.59 1.14
C ILE D 190 -19.62 2.69 2.65
N HIS D 191 -20.45 3.57 3.22
CA HIS D 191 -20.57 3.71 4.70
C HIS D 191 -22.08 3.68 5.02
N ASN D 192 -22.50 2.76 5.87
CA ASN D 192 -23.93 2.68 6.28
C ASN D 192 -24.88 2.74 5.07
N GLY D 193 -24.59 2.05 3.96
CA GLY D 193 -25.53 1.96 2.85
C GLY D 193 -25.55 3.15 1.96
N LYS D 194 -24.59 4.04 2.09
CA LYS D 194 -24.46 5.20 1.23
C LYS D 194 -23.08 5.21 0.58
N ILE D 195 -22.99 5.70 -0.64
CA ILE D 195 -21.75 5.79 -1.44
C ILE D 195 -21.41 7.26 -1.61
N ASP D 196 -20.18 7.60 -1.34
CA ASP D 196 -19.66 8.83 -1.79
C ASP D 196 -18.74 8.57 -2.98
N TYR D 197 -19.25 8.82 -4.17
CA TYR D 197 -18.49 8.66 -5.43
C TYR D 197 -17.61 9.86 -5.67
N GLN D 198 -16.30 9.69 -5.85
CA GLN D 198 -15.38 10.82 -6.11
C GLN D 198 -14.66 10.66 -7.45
N ARG D 199 -14.92 9.57 -8.18
CA ARG D 199 -14.14 9.22 -9.32
C ARG D 199 -15.00 8.42 -10.27
N THR D 200 -14.61 8.45 -11.55
CA THR D 200 -15.28 7.69 -12.62
C THR D 200 -14.24 7.40 -13.68
N PRO D 201 -14.29 6.23 -14.34
CA PRO D 201 -13.19 5.86 -15.24
C PRO D 201 -13.27 6.70 -16.53
N ALA D 202 -12.12 7.25 -16.94
CA ALA D 202 -12.03 8.06 -18.16
C ALA D 202 -12.07 7.15 -19.42
N ARG D 203 -11.55 5.94 -19.37
CA ARG D 203 -11.46 5.05 -20.51
C ARG D 203 -12.89 4.69 -20.88
N LYS D 204 -13.13 4.59 -22.20
CA LYS D 204 -14.47 4.30 -22.77
C LYS D 204 -14.88 2.90 -22.35
N HIS D 205 -16.15 2.76 -21.98
CA HIS D 205 -16.73 1.49 -21.53
C HIS D 205 -18.15 1.31 -22.07
N THR D 206 -18.65 0.09 -21.89
CA THR D 206 -20.03 -0.35 -22.10
C THR D 206 -20.58 0.16 -23.47
N SER D 207 -21.53 1.07 -23.46
CA SER D 207 -22.26 1.51 -24.69
C SER D 207 -21.37 2.47 -25.50
N ASP D 208 -20.25 2.96 -24.97
CA ASP D 208 -19.28 3.66 -25.76
C ASP D 208 -18.19 2.85 -26.41
N THR D 209 -18.28 1.54 -26.41
CA THR D 209 -17.25 0.74 -27.13
C THR D 209 -17.89 0.22 -28.42
N PRO D 210 -17.07 -0.17 -29.39
CA PRO D 210 -17.55 -0.81 -30.60
C PRO D 210 -17.73 -2.33 -30.49
N PHE D 211 -17.44 -2.95 -29.36
CA PHE D 211 -17.40 -4.43 -29.25
C PHE D 211 -18.85 -4.91 -29.12
N ASP D 212 -19.27 -5.90 -29.93
CA ASP D 212 -20.65 -6.32 -29.90
C ASP D 212 -20.59 -7.77 -30.06
N VAL D 213 -20.94 -8.48 -29.01
CA VAL D 213 -20.75 -9.93 -29.02
C VAL D 213 -22.12 -10.60 -29.19
N SER D 214 -23.19 -9.83 -29.46
CA SER D 214 -24.59 -10.34 -29.51
C SER D 214 -24.67 -11.55 -30.49
N LYS D 215 -23.89 -11.57 -31.56
CA LYS D 215 -24.00 -12.70 -32.57
C LYS D 215 -22.75 -13.61 -32.52
N LEU D 216 -21.88 -13.53 -31.52
CA LEU D 216 -20.67 -14.39 -31.47
C LEU D 216 -20.98 -15.60 -30.63
N ASN D 217 -20.55 -16.77 -31.07
CA ASN D 217 -20.58 -17.97 -30.23
C ASN D 217 -19.17 -18.36 -29.78
N GLU D 218 -18.15 -17.65 -30.28
CA GLU D 218 -16.79 -17.95 -29.91
C GLU D 218 -16.03 -16.67 -29.97
N LEU D 219 -14.87 -16.64 -29.28
CA LEU D 219 -13.98 -15.45 -29.28
C LEU D 219 -12.67 -15.86 -29.93
N PRO D 220 -11.92 -14.90 -30.49
CA PRO D 220 -10.54 -15.16 -30.93
C PRO D 220 -9.67 -15.78 -29.81
N LYS D 221 -8.82 -16.72 -30.18
CA LYS D 221 -7.93 -17.52 -29.30
C LYS D 221 -6.74 -16.65 -28.93
N VAL D 222 -6.66 -16.34 -27.64
CA VAL D 222 -5.58 -15.52 -27.09
C VAL D 222 -5.01 -16.26 -25.88
N GLY D 223 -3.69 -16.52 -25.91
CA GLY D 223 -2.98 -17.14 -24.78
C GLY D 223 -1.99 -16.21 -24.13
N ILE D 224 -1.58 -16.59 -22.94
CA ILE D 224 -0.61 -15.78 -22.15
C ILE D 224 0.64 -16.59 -21.91
N VAL D 225 1.82 -15.98 -22.09
CA VAL D 225 3.14 -16.61 -21.75
C VAL D 225 3.83 -15.72 -20.72
N TYR D 226 4.57 -16.38 -19.85
CA TYR D 226 5.32 -15.75 -18.74
C TYR D 226 6.78 -15.56 -19.16
N ASN D 227 7.39 -14.47 -18.72
CA ASN D 227 8.85 -14.24 -18.82
C ASN D 227 9.49 -14.27 -17.42
N TYR D 228 10.71 -14.75 -17.41
CA TYR D 228 11.55 -15.00 -16.24
C TYR D 228 12.91 -15.38 -16.79
N ALA D 229 13.86 -15.51 -15.90
CA ALA D 229 15.25 -15.91 -16.24
C ALA D 229 15.20 -17.27 -16.92
N ASN D 230 15.95 -17.38 -18.01
CA ASN D 230 16.10 -18.67 -18.74
C ASN D 230 14.76 -19.13 -19.30
N ALA D 231 13.80 -18.26 -19.58
CA ALA D 231 12.41 -18.66 -19.95
C ALA D 231 12.45 -19.58 -21.17
N SER D 232 11.70 -20.66 -21.11
CA SER D 232 11.50 -21.52 -22.29
C SER D 232 10.75 -20.77 -23.39
N ASP D 233 11.10 -21.04 -24.67
CA ASP D 233 10.27 -20.59 -25.79
C ASP D 233 9.17 -21.49 -26.16
N LEU D 234 9.05 -22.63 -25.44
CA LEU D 234 8.12 -23.69 -25.87
C LEU D 234 6.67 -23.24 -25.75
N PRO D 235 6.23 -22.60 -24.65
CA PRO D 235 4.84 -22.14 -24.55
C PRO D 235 4.48 -21.21 -25.75
N ALA D 236 5.30 -20.20 -26.03
CA ALA D 236 5.02 -19.28 -27.15
C ALA D 236 5.00 -20.05 -28.46
N LYS D 237 5.94 -20.95 -28.63
CA LYS D 237 5.96 -21.75 -29.91
C LYS D 237 4.70 -22.60 -30.02
N ALA D 238 4.22 -23.16 -28.92
CA ALA D 238 3.02 -23.99 -28.96
C ALA D 238 1.79 -23.18 -29.39
N LEU D 239 1.68 -21.91 -28.95
CA LEU D 239 0.54 -21.09 -29.30
C LEU D 239 0.68 -20.66 -30.79
N VAL D 240 1.90 -20.38 -31.25
CA VAL D 240 2.09 -20.07 -32.68
C VAL D 240 1.73 -21.33 -33.50
N ASP D 241 2.24 -22.49 -33.08
CA ASP D 241 1.97 -23.73 -33.86
C ASP D 241 0.52 -24.02 -33.98
N ALA D 242 -0.26 -23.67 -32.96
CA ALA D 242 -1.70 -23.90 -32.98
C ALA D 242 -2.43 -22.78 -33.70
N GLY D 243 -1.77 -21.76 -34.24
CA GLY D 243 -2.52 -20.75 -34.98
C GLY D 243 -3.33 -19.81 -34.07
N TYR D 244 -2.83 -19.48 -32.88
CA TYR D 244 -3.58 -18.53 -32.00
C TYR D 244 -3.72 -17.20 -32.72
N ASP D 245 -4.85 -16.55 -32.47
CA ASP D 245 -5.13 -15.21 -32.96
C ASP D 245 -4.23 -14.20 -32.28
N GLY D 246 -3.93 -14.43 -30.99
CA GLY D 246 -3.16 -13.46 -30.19
C GLY D 246 -2.35 -14.09 -29.12
N ILE D 247 -1.24 -13.47 -28.72
CA ILE D 247 -0.49 -13.85 -27.52
C ILE D 247 -0.26 -12.59 -26.70
N VAL D 248 -0.59 -12.68 -25.43
CA VAL D 248 -0.15 -11.68 -24.43
C VAL D 248 1.05 -12.19 -23.69
N SER D 249 2.12 -11.39 -23.65
CA SER D 249 3.34 -11.61 -22.88
C SER D 249 3.24 -10.97 -21.50
N ALA D 250 3.39 -11.78 -20.46
CA ALA D 250 3.63 -11.29 -19.08
C ALA D 250 5.16 -11.06 -19.00
N GLY D 251 5.58 -9.89 -19.43
CA GLY D 251 6.96 -9.47 -19.55
C GLY D 251 7.59 -9.23 -18.20
N VAL D 252 8.89 -9.09 -18.17
CA VAL D 252 9.63 -8.66 -16.96
C VAL D 252 9.75 -7.11 -17.01
N GLY D 253 9.70 -6.49 -15.85
CA GLY D 253 9.76 -5.02 -15.80
C GLY D 253 8.74 -4.39 -16.73
N ASN D 254 9.20 -3.41 -17.49
CA ASN D 254 8.36 -2.66 -18.45
C ASN D 254 8.12 -3.48 -19.73
N GLY D 255 7.45 -4.62 -19.58
CA GLY D 255 7.07 -5.49 -20.67
C GLY D 255 8.20 -6.16 -21.43
N ASN D 256 9.36 -6.30 -20.85
CA ASN D 256 10.57 -6.84 -21.52
C ASN D 256 10.46 -8.36 -21.67
N LEU D 257 11.14 -8.86 -22.66
CA LEU D 257 11.02 -10.28 -23.08
C LEU D 257 12.35 -11.01 -22.93
N TYR D 258 12.32 -12.25 -22.45
CA TYR D 258 13.50 -13.09 -22.43
C TYR D 258 13.88 -13.29 -23.91
N LYS D 259 15.18 -13.39 -24.21
CA LYS D 259 15.61 -13.44 -25.66
C LYS D 259 14.86 -14.52 -26.45
N SER D 260 14.74 -15.75 -25.95
CA SER D 260 14.15 -16.81 -26.78
C SER D 260 12.65 -16.55 -26.98
N VAL D 261 11.95 -15.98 -25.98
CA VAL D 261 10.53 -15.62 -26.12
C VAL D 261 10.42 -14.48 -27.13
N PHE D 262 11.35 -13.48 -27.10
CA PHE D 262 11.34 -12.38 -28.08
C PHE D 262 11.37 -12.99 -29.50
N ASP D 263 12.25 -13.96 -29.67
CA ASP D 263 12.47 -14.55 -30.99
C ASP D 263 11.18 -15.15 -31.55
N THR D 264 10.47 -15.86 -30.67
CA THR D 264 9.24 -16.53 -31.06
C THR D 264 8.17 -15.51 -31.32
N LEU D 265 8.01 -14.50 -30.43
CA LEU D 265 6.94 -13.52 -30.57
C LEU D 265 7.20 -12.67 -31.82
N ALA D 266 8.48 -12.36 -32.11
CA ALA D 266 8.80 -11.66 -33.39
C ALA D 266 8.25 -12.44 -34.59
N THR D 267 8.46 -13.78 -34.61
CA THR D 267 7.89 -14.57 -35.71
C THR D 267 6.37 -14.48 -35.69
N ALA D 268 5.77 -14.67 -34.50
CA ALA D 268 4.30 -14.67 -34.35
C ALA D 268 3.68 -13.42 -34.98
N ALA D 269 4.26 -12.25 -34.64
CA ALA D 269 3.64 -10.98 -35.02
C ALA D 269 3.72 -10.78 -36.55
N LYS D 270 4.67 -11.44 -37.22
CA LYS D 270 4.79 -11.29 -38.70
C LYS D 270 3.99 -12.36 -39.43
N THR D 271 3.39 -13.32 -38.70
CA THR D 271 2.75 -14.50 -39.30
C THR D 271 1.31 -14.64 -38.84
N GLY D 272 0.63 -13.55 -38.54
CA GLY D 272 -0.84 -13.59 -38.42
C GLY D 272 -1.29 -13.68 -36.94
N THR D 273 -0.38 -13.63 -35.97
CA THR D 273 -0.75 -13.65 -34.52
C THR D 273 -0.44 -12.28 -33.91
N ALA D 274 -1.42 -11.58 -33.38
CA ALA D 274 -1.19 -10.30 -32.69
C ALA D 274 -0.41 -10.57 -31.38
N VAL D 275 0.51 -9.68 -31.03
CA VAL D 275 1.35 -9.77 -29.83
C VAL D 275 1.14 -8.51 -29.02
N VAL D 276 0.66 -8.73 -27.78
CA VAL D 276 0.55 -7.62 -26.80
C VAL D 276 1.61 -7.85 -25.72
N ARG D 277 2.44 -6.85 -25.46
CA ARG D 277 3.34 -6.86 -24.35
C ARG D 277 2.66 -6.28 -23.15
N SER D 278 2.46 -7.14 -22.14
CA SER D 278 2.05 -6.72 -20.79
C SER D 278 3.22 -7.00 -19.85
N SER D 279 2.95 -7.04 -18.55
CA SER D 279 3.98 -7.22 -17.52
C SER D 279 3.49 -8.11 -16.39
N ARG D 280 4.37 -8.96 -15.91
CA ARG D 280 4.15 -9.70 -14.70
C ARG D 280 4.13 -8.77 -13.48
N VAL D 281 4.69 -7.59 -13.62
CA VAL D 281 4.81 -6.64 -12.48
C VAL D 281 3.42 -6.13 -12.14
N PRO D 282 3.02 -6.14 -10.85
CA PRO D 282 1.62 -6.01 -10.52
C PRO D 282 0.99 -4.60 -10.67
N THR D 283 1.81 -3.56 -10.71
CA THR D 283 1.35 -2.21 -10.91
C THR D 283 2.20 -1.51 -11.97
N GLY D 284 1.58 -0.51 -12.57
CA GLY D 284 2.24 0.39 -13.53
C GLY D 284 2.01 -0.10 -14.94
N ALA D 285 2.23 0.79 -15.88
CA ALA D 285 2.04 0.59 -17.31
C ALA D 285 3.21 -0.14 -17.93
N THR D 286 2.90 -0.95 -18.94
CA THR D 286 3.85 -1.31 -20.02
C THR D 286 3.75 -0.26 -21.12
N THR D 287 4.73 0.59 -21.20
CA THR D 287 4.70 1.78 -22.06
C THR D 287 5.25 1.49 -23.45
N GLN D 288 4.80 2.36 -24.37
CA GLN D 288 5.39 2.53 -25.71
C GLN D 288 6.69 3.31 -25.50
N ASP D 289 7.63 3.24 -26.42
CA ASP D 289 8.79 4.12 -26.35
C ASP D 289 9.71 3.80 -25.20
N ALA D 290 9.81 2.51 -24.85
CA ALA D 290 10.77 2.08 -23.84
C ALA D 290 11.82 1.23 -24.54
N GLU D 291 12.11 0.03 -24.05
CA GLU D 291 13.21 -0.74 -24.63
C GLU D 291 12.81 -1.49 -25.85
N VAL D 292 11.54 -1.77 -26.02
CA VAL D 292 11.11 -2.54 -27.20
C VAL D 292 10.56 -1.60 -28.28
N ASP D 293 11.02 -1.79 -29.52
CA ASP D 293 10.51 -1.02 -30.64
C ASP D 293 9.30 -1.71 -31.21
N ASP D 294 8.14 -1.41 -30.67
CA ASP D 294 6.94 -2.13 -30.98
C ASP D 294 6.58 -1.98 -32.50
N ALA D 295 6.77 -0.78 -33.05
CA ALA D 295 6.45 -0.49 -34.47
C ALA D 295 7.27 -1.41 -35.38
N LYS D 296 8.54 -1.61 -35.07
CA LYS D 296 9.41 -2.47 -35.89
C LYS D 296 8.91 -3.93 -35.82
N TYR D 297 8.46 -4.43 -34.66
CA TYR D 297 8.08 -5.88 -34.57
C TYR D 297 6.61 -6.11 -34.86
N GLY D 298 5.78 -5.06 -34.94
CA GLY D 298 4.32 -5.20 -35.03
C GLY D 298 3.71 -5.62 -33.67
N PHE D 299 4.33 -5.16 -32.55
CA PHE D 299 3.79 -5.48 -31.18
C PHE D 299 2.87 -4.34 -30.74
N VAL D 300 2.08 -4.59 -29.70
CA VAL D 300 1.21 -3.62 -29.02
C VAL D 300 1.63 -3.57 -27.55
N ALA D 301 1.68 -2.41 -26.95
CA ALA D 301 2.00 -2.26 -25.51
C ALA D 301 0.68 -2.16 -24.73
N SER D 302 0.58 -2.86 -23.57
CA SER D 302 -0.71 -3.03 -22.91
C SER D 302 -1.11 -1.82 -22.05
N GLY D 303 -0.17 -0.92 -21.74
CA GLY D 303 -0.43 0.13 -20.74
C GLY D 303 -0.64 -0.50 -19.35
N THR D 304 -1.63 -0.06 -18.59
CA THR D 304 -1.80 -0.56 -17.19
C THR D 304 -2.57 -1.89 -17.19
N LEU D 305 -2.97 -2.42 -18.34
CA LEU D 305 -3.66 -3.73 -18.34
C LEU D 305 -2.64 -4.83 -18.07
N ASN D 306 -2.90 -5.61 -17.00
CA ASN D 306 -2.12 -6.76 -16.57
C ASN D 306 -2.40 -7.89 -17.60
N PRO D 307 -1.67 -9.03 -17.54
CA PRO D 307 -1.73 -9.95 -18.65
C PRO D 307 -3.17 -10.43 -18.93
N GLN D 308 -3.87 -10.86 -17.90
CA GLN D 308 -5.21 -11.43 -17.99
C GLN D 308 -6.19 -10.36 -18.49
N LYS D 309 -6.02 -9.10 -18.11
CA LYS D 309 -6.92 -8.04 -18.61
C LYS D 309 -6.57 -7.73 -20.08
N ALA D 310 -5.28 -7.69 -20.38
CA ALA D 310 -4.84 -7.45 -21.75
C ALA D 310 -5.42 -8.52 -22.69
N ARG D 311 -5.50 -9.77 -22.21
CA ARG D 311 -6.08 -10.82 -23.03
C ARG D 311 -7.53 -10.47 -23.39
N VAL D 312 -8.28 -10.00 -22.39
CA VAL D 312 -9.70 -9.65 -22.62
C VAL D 312 -9.80 -8.62 -23.76
N LEU D 313 -9.06 -7.52 -23.66
CA LEU D 313 -9.16 -6.47 -24.69
C LEU D 313 -8.60 -6.99 -26.01
N LEU D 314 -7.55 -7.79 -26.01
CA LEU D 314 -6.98 -8.27 -27.29
C LEU D 314 -8.00 -9.19 -28.00
N GLN D 315 -8.66 -10.07 -27.27
CA GLN D 315 -9.67 -10.97 -27.86
C GLN D 315 -10.75 -10.09 -28.54
N LEU D 316 -11.18 -9.00 -27.88
CA LEU D 316 -12.27 -8.14 -28.37
C LEU D 316 -11.71 -7.29 -29.53
N ALA D 317 -10.49 -6.81 -29.47
CA ALA D 317 -9.89 -6.04 -30.53
C ALA D 317 -9.90 -6.92 -31.80
N LEU D 318 -9.56 -8.20 -31.64
CA LEU D 318 -9.39 -9.11 -32.80
C LEU D 318 -10.77 -9.44 -33.39
N THR D 319 -11.89 -9.14 -32.74
CA THR D 319 -13.22 -9.23 -33.40
C THR D 319 -13.38 -8.07 -34.39
N GLN D 320 -12.58 -7.03 -34.34
CA GLN D 320 -12.75 -5.81 -35.15
C GLN D 320 -11.60 -5.70 -36.16
N THR D 321 -10.39 -6.08 -35.82
CA THR D 321 -9.17 -5.75 -36.62
C THR D 321 -8.05 -6.72 -36.26
N LYS D 322 -7.11 -6.93 -37.18
CA LYS D 322 -5.86 -7.68 -37.01
C LYS D 322 -4.70 -6.73 -37.22
N ASP D 323 -4.98 -5.44 -37.46
CA ASP D 323 -3.92 -4.50 -37.70
C ASP D 323 -3.26 -4.03 -36.39
N PRO D 324 -1.94 -4.16 -36.19
CA PRO D 324 -1.32 -3.80 -34.91
C PRO D 324 -1.46 -2.33 -34.55
N GLN D 325 -1.40 -1.40 -35.52
CA GLN D 325 -1.61 0.04 -35.19
C GLN D 325 -3.04 0.28 -34.73
N GLN D 326 -4.06 -0.40 -35.30
CA GLN D 326 -5.44 -0.21 -34.85
C GLN D 326 -5.57 -0.87 -33.47
N ILE D 327 -4.91 -1.97 -33.24
CA ILE D 327 -5.07 -2.64 -31.91
C ILE D 327 -4.39 -1.75 -30.87
N GLN D 328 -3.25 -1.14 -31.17
CA GLN D 328 -2.61 -0.15 -30.29
C GLN D 328 -3.59 0.97 -29.96
N GLN D 329 -4.26 1.52 -30.95
CA GLN D 329 -5.30 2.57 -30.72
C GLN D 329 -6.41 2.06 -29.76
N ILE D 330 -6.84 0.86 -29.93
CA ILE D 330 -7.83 0.25 -29.02
C ILE D 330 -7.24 0.18 -27.60
N PHE D 331 -5.99 -0.22 -27.44
CA PHE D 331 -5.31 -0.32 -26.11
C PHE D 331 -5.08 1.07 -25.54
N ASN D 332 -5.13 2.12 -26.35
CA ASN D 332 -4.97 3.53 -25.85
C ASN D 332 -6.34 4.15 -25.52
N GLN D 333 -7.49 3.52 -25.82
CA GLN D 333 -8.81 4.15 -25.66
C GLN D 333 -9.72 3.39 -24.71
N TYR D 334 -9.54 2.09 -24.60
CA TYR D 334 -10.42 1.18 -23.79
C TYR D 334 -9.64 0.53 -22.63
N GLU E . -14.60 3.95 19.77
CA GLU E . -14.71 2.51 19.86
C GLU E . -13.53 1.95 20.61
O GLU E . -12.38 2.09 20.22
CB GLU E . -14.79 1.88 18.47
CG GLU E . -15.40 0.49 18.47
CD GLU E . -14.38 -0.60 18.71
OE1 GLU E . -13.29 -0.54 18.11
OE2 GLU E . -14.66 -1.51 19.49
OXT GLU E . -13.72 1.33 21.64
C1 EDO F . 6.10 -2.11 5.39
O1 EDO F . 6.39 -3.38 4.80
C2 EDO F . 6.90 -1.04 4.77
O2 EDO F . 7.12 -1.19 3.40
N GLU G . 11.20 21.49 6.03
CA GLU G . 11.56 21.76 4.65
C GLU G . 10.37 22.30 3.89
O GLU G . 10.47 23.38 3.32
CB GLU G . 12.08 20.49 3.95
CG GLU G . 12.87 20.75 2.68
CD GLU G . 12.00 20.84 1.43
OE1 GLU G . 12.25 21.74 0.61
OE2 GLU G . 11.11 20.00 1.27
OXT GLU G . 9.32 21.68 3.86
C1 EDO H . -24.30 19.65 11.43
O1 EDO H . -23.89 19.58 12.81
C2 EDO H . -24.62 18.27 10.92
O2 EDO H . -23.38 17.54 10.77
C1 EDO I . -7.05 3.55 -1.97
O1 EDO I . -6.83 2.13 -1.85
C2 EDO I . -6.04 4.24 -2.80
O2 EDO I . -5.98 3.88 -4.16
N GLU J . 15.51 -4.48 -19.00
CA GLU J . 16.60 -3.81 -18.33
C GLU J . 17.27 -4.73 -17.33
O GLU J . 18.47 -4.93 -17.41
CB GLU J . 16.10 -2.55 -17.63
CG GLU J . 17.21 -1.61 -17.21
CD GLU J . 17.72 -1.90 -15.82
OE1 GLU J . 18.94 -1.87 -15.61
OE2 GLU J . 16.91 -2.16 -14.93
OXT GLU J . 16.62 -5.29 -16.46
C1 EDO K . 4.20 -5.84 4.27
O1 EDO K . 4.52 -5.02 5.36
C2 EDO K . 2.93 -6.65 4.37
O2 EDO K . 1.68 -6.09 4.73
C1 EDO L . 9.90 -35.80 -16.18
O1 EDO L . 9.13 -36.93 -15.71
C2 EDO L . 11.26 -35.87 -15.62
O2 EDO L . 12.20 -36.00 -16.65
N GLU M . -11.47 -20.93 -6.68
CA GLU M . -12.73 -20.43 -6.17
C GLU M . -13.37 -19.46 -7.15
O GLU M . -12.75 -18.49 -7.56
CB GLU M . -12.54 -19.76 -4.82
CG GLU M . -13.84 -19.47 -4.09
CD GLU M . -14.43 -18.14 -4.47
OE1 GLU M . -13.67 -17.18 -4.64
OE2 GLU M . -15.66 -18.04 -4.55
OXT GLU M . -14.51 -19.66 -7.52
#